data_5TKY
#
_entry.id   5TKY
#
_cell.length_a   66.930
_cell.length_b   128.240
_cell.length_c   79.680
_cell.angle_alpha   90.00
_cell.angle_beta   93.22
_cell.angle_gamma   90.00
#
_symmetry.space_group_name_H-M   'P 1 21 1'
#
loop_
_entity.id
_entity.type
_entity.pdbx_description
1 polymer 'Putative uncharacterized protein'
2 non-polymer "ADENOSINE-5'-TRIPHOSPHATE"
3 non-polymer 'MAGNESIUM ION'
4 water water
#
_entity_poly.entity_id   1
_entity_poly.type   'polypeptide(L)'
_entity_poly.pdbx_seq_one_letter_code
;MGHHHHHHAEEVYDGAIGIDLGTTYSCVAVYEGTNVEIIANEQGNFTTPSFVSFTENCRLIGEAAKNQAAMNPANTIFDV
KRLIGRRFDDPTVKKDMESWPFKVVDDNGNPKVEVQYLGQTHTFSPQEISAMVLTKMKEIAETKLGKKVEKAVITVPAYF
NDNQRQATKDAGAIAGLNVLRIINEPTAAAIAYGLGSGKSDKERNVLIYDLGGGAFDVSLLNIQGGVFTVKATAGDTHLG
GQDFDTNLLEYCKKEFTRKTKKDLSGDARALRRLRTACERAKRTLSSGAQTTIEIDSLFDGEDFNIQITRARFEDLNAKA
FAGTLEPVAQVLKDAGIEKHQVDEIVLVGGSTRIPRIQKLLSEFFDGKKLEKSINPDEAVAYGAAVQAGILSGKATSADT
SDLLLLDVVPLSLGVAMEGNIFAPVVPRGQTVPTIKKRTFTTVADNQQTVQFPVYQGERVNCEDNTLLGEFTLAPIPPMK
AGEPVLEVVFEVDVNGILKVTATEKTSGRSANITIANSVGKLSTDEIEKMISDAEKFKSKCEAFSKRFEAKQQLESYISR
VEEIISDPTLSLKLKRGQKDKIEQALSEAMAQLEIEDSTADELKKKELALKRLVTKAMASR
;
_entity_poly.pdbx_strand_id   A,B
#
# COMPACT_ATOMS: atom_id res chain seq x y z
N GLU A 11 15.45 -8.97 26.96
CA GLU A 11 14.35 -8.75 26.02
C GLU A 11 14.54 -7.43 25.27
N VAL A 12 15.76 -6.90 25.30
CA VAL A 12 16.10 -5.65 24.63
C VAL A 12 16.88 -5.98 23.36
N TYR A 13 16.44 -5.44 22.24
CA TYR A 13 17.11 -5.66 20.97
C TYR A 13 18.47 -4.96 20.97
N ASP A 14 19.52 -5.73 20.70
CA ASP A 14 20.87 -5.17 20.76
C ASP A 14 21.22 -4.32 19.54
N GLY A 15 20.58 -4.59 18.40
CA GLY A 15 20.84 -3.84 17.19
C GLY A 15 20.18 -2.48 17.20
N ALA A 16 19.99 -1.95 15.99
CA ALA A 16 19.35 -0.65 15.81
C ALA A 16 18.49 -0.70 14.55
N ILE A 17 17.43 0.11 14.56
CA ILE A 17 16.48 0.17 13.46
C ILE A 17 16.69 1.44 12.67
N GLY A 18 16.31 1.40 11.40
CA GLY A 18 16.34 2.60 10.56
C GLY A 18 14.95 3.05 10.21
N ILE A 19 14.60 4.30 10.57
CA ILE A 19 13.27 4.84 10.35
C ILE A 19 13.39 6.04 9.43
N ASP A 20 12.63 6.01 8.33
CA ASP A 20 12.48 7.14 7.43
C ASP A 20 11.25 7.92 7.88
N LEU A 21 11.50 9.10 8.47
CA LEU A 21 10.45 9.98 8.98
C LEU A 21 10.11 10.97 7.88
N GLY A 22 9.08 10.64 7.10
CA GLY A 22 8.70 11.45 5.97
C GLY A 22 7.60 12.46 6.30
N THR A 23 7.42 13.40 5.36
CA THR A 23 6.35 14.39 5.51
C THR A 23 4.98 13.73 5.46
N THR A 24 4.79 12.77 4.56
CA THR A 24 3.51 12.09 4.39
C THR A 24 3.51 10.66 4.89
N TYR A 25 4.58 9.90 4.65
CA TYR A 25 4.66 8.51 5.07
C TYR A 25 6.00 8.26 5.76
N SER A 26 5.95 7.40 6.77
CA SER A 26 7.15 6.92 7.45
C SER A 26 7.34 5.44 7.16
N CYS A 27 8.60 4.99 7.20
CA CYS A 27 8.93 3.63 6.80
C CYS A 27 10.04 3.09 7.69
N VAL A 28 9.79 1.97 8.36
CA VAL A 28 10.75 1.39 9.28
C VAL A 28 11.38 0.15 8.63
N ALA A 29 12.65 -0.08 8.97
CA ALA A 29 13.40 -1.21 8.43
C ALA A 29 14.48 -1.61 9.43
N VAL A 30 15.00 -2.83 9.25
CA VAL A 30 16.05 -3.35 10.13
C VAL A 30 17.08 -4.09 9.29
N TYR A 31 18.33 -4.04 9.72
CA TYR A 31 19.43 -4.71 9.04
C TYR A 31 20.35 -5.31 10.08
N GLU A 32 20.60 -6.62 9.96
CA GLU A 32 21.38 -7.34 10.96
C GLU A 32 22.71 -7.88 10.45
N GLY A 33 22.96 -7.83 9.15
CA GLY A 33 24.22 -8.31 8.61
C GLY A 33 24.10 -8.98 7.26
N THR A 34 23.06 -9.81 7.11
CA THR A 34 22.83 -10.50 5.84
C THR A 34 21.83 -9.73 4.97
N ASN A 35 20.60 -9.59 5.43
CA ASN A 35 19.55 -8.94 4.66
C ASN A 35 18.91 -7.82 5.46
N VAL A 36 18.30 -6.89 4.72
CA VAL A 36 17.60 -5.75 5.31
C VAL A 36 16.12 -5.91 5.03
N GLU A 37 15.32 -5.90 6.10
CA GLU A 37 13.88 -6.12 6.02
C GLU A 37 13.15 -4.81 6.16
N ILE A 38 12.19 -4.56 5.26
CA ILE A 38 11.21 -3.50 5.42
C ILE A 38 10.03 -4.09 6.19
N ILE A 39 9.71 -3.49 7.32
CA ILE A 39 8.70 -4.04 8.23
C ILE A 39 7.34 -3.46 7.90
N ALA A 40 6.33 -4.33 7.87
CA ALA A 40 4.96 -3.92 7.62
C ALA A 40 4.23 -3.67 8.94
N ASN A 41 3.22 -2.82 8.88
CA ASN A 41 2.47 -2.44 10.07
C ASN A 41 1.35 -3.46 10.32
N GLU A 42 0.40 -3.09 11.19
CA GLU A 42 -0.69 -3.99 11.52
C GLU A 42 -1.59 -4.25 10.32
N GLN A 43 -1.65 -3.32 9.38
CA GLN A 43 -2.42 -3.48 8.15
C GLN A 43 -1.62 -4.13 7.03
N GLY A 44 -0.39 -4.56 7.30
CA GLY A 44 0.43 -5.13 6.26
C GLY A 44 1.00 -4.12 5.30
N ASN A 45 1.08 -2.85 5.68
CA ASN A 45 1.62 -1.80 4.83
C ASN A 45 3.03 -1.44 5.29
N PHE A 46 3.93 -1.30 4.33
CA PHE A 46 5.32 -0.97 4.64
C PHE A 46 5.55 0.52 4.83
N THR A 47 4.58 1.37 4.46
CA THR A 47 4.64 2.79 4.71
C THR A 47 3.43 3.20 5.54
N THR A 48 3.67 3.90 6.64
CA THR A 48 2.63 4.35 7.54
C THR A 48 2.47 5.86 7.45
N PRO A 49 1.26 6.37 7.24
CA PRO A 49 1.09 7.82 7.08
C PRO A 49 1.41 8.57 8.37
N SER A 50 1.94 9.79 8.19
CA SER A 50 2.39 10.61 9.31
C SER A 50 1.23 11.47 9.80
N PHE A 51 0.22 10.80 10.35
CA PHE A 51 -0.96 11.44 10.92
C PHE A 51 -1.10 11.05 12.38
N VAL A 52 -1.45 12.02 13.22
CA VAL A 52 -1.67 11.79 14.65
C VAL A 52 -2.91 12.57 15.05
N SER A 53 -4.01 11.86 15.34
CA SER A 53 -5.26 12.49 15.77
C SER A 53 -5.51 12.18 17.24
N PHE A 54 -6.09 13.14 17.95
CA PHE A 54 -6.32 13.01 19.39
C PHE A 54 -7.82 12.81 19.66
N THR A 55 -8.12 11.97 20.63
CA THR A 55 -9.50 11.67 21.02
C THR A 55 -9.68 11.99 22.50
N GLU A 56 -10.81 11.55 23.05
CA GLU A 56 -11.07 11.73 24.47
C GLU A 56 -10.20 10.83 25.34
N ASN A 57 -9.67 9.75 24.77
CA ASN A 57 -8.94 8.76 25.56
C ASN A 57 -7.59 8.35 24.98
N CYS A 58 -7.35 8.50 23.69
CA CYS A 58 -6.17 7.90 23.09
C CYS A 58 -5.65 8.82 21.98
N ARG A 59 -4.43 8.50 21.52
CA ARG A 59 -3.84 9.12 20.34
C ARG A 59 -3.77 8.06 19.24
N LEU A 60 -4.46 8.32 18.13
CA LEU A 60 -4.38 7.47 16.96
C LEU A 60 -3.23 7.92 16.08
N ILE A 61 -2.37 6.97 15.69
CA ILE A 61 -1.22 7.26 14.84
C ILE A 61 -1.27 6.34 13.63
N GLY A 62 -1.12 6.91 12.44
CA GLY A 62 -1.12 6.13 11.21
C GLY A 62 -2.40 6.27 10.40
N GLU A 63 -2.71 5.24 9.62
CA GLU A 63 -3.92 5.26 8.80
C GLU A 63 -5.18 5.31 9.65
N ALA A 64 -5.12 4.84 10.90
CA ALA A 64 -6.25 5.03 11.80
C ALA A 64 -6.52 6.51 12.03
N ALA A 65 -5.45 7.32 12.08
CA ALA A 65 -5.65 8.76 12.23
C ALA A 65 -6.01 9.43 10.92
N LYS A 66 -5.41 8.97 9.81
CA LYS A 66 -5.67 9.60 8.52
C LYS A 66 -7.09 9.36 8.04
N ASN A 67 -7.67 8.21 8.37
CA ASN A 67 -9.01 7.89 7.87
C ASN A 67 -10.08 8.75 8.52
N GLN A 68 -9.88 9.20 9.76
CA GLN A 68 -10.83 10.07 10.43
C GLN A 68 -10.49 11.55 10.25
N ALA A 69 -9.70 11.90 9.23
CA ALA A 69 -9.34 13.29 9.01
C ALA A 69 -10.56 14.13 8.64
N ALA A 70 -11.49 13.54 7.89
CA ALA A 70 -12.71 14.26 7.52
C ALA A 70 -13.68 14.38 8.68
N MET A 71 -13.71 13.39 9.58
CA MET A 71 -14.63 13.44 10.71
C MET A 71 -14.14 14.40 11.78
N ASN A 72 -12.84 14.41 12.06
CA ASN A 72 -12.24 15.20 13.13
C ASN A 72 -11.06 15.99 12.57
N PRO A 73 -11.32 17.00 11.74
CA PRO A 73 -10.21 17.73 11.11
C PRO A 73 -9.49 18.67 12.05
N ALA A 74 -10.15 19.15 13.10
CA ALA A 74 -9.52 20.08 14.03
C ALA A 74 -8.51 19.42 14.96
N ASN A 75 -8.62 18.10 15.16
CA ASN A 75 -7.75 17.37 16.07
C ASN A 75 -6.85 16.37 15.36
N THR A 76 -6.90 16.30 14.04
CA THR A 76 -6.02 15.44 13.26
C THR A 76 -4.82 16.25 12.78
N ILE A 77 -3.63 15.84 13.20
CA ILE A 77 -2.40 16.59 12.95
C ILE A 77 -1.58 15.87 11.89
N PHE A 78 -0.97 16.66 11.00
CA PHE A 78 -0.15 16.13 9.93
C PHE A 78 0.79 17.23 9.46
N ASP A 79 1.74 16.84 8.60
CA ASP A 79 2.63 17.80 7.94
C ASP A 79 3.54 18.52 8.91
N VAL A 80 3.75 17.96 10.11
CA VAL A 80 4.60 18.65 11.08
C VAL A 80 6.04 18.69 10.62
N LYS A 81 6.41 17.88 9.63
CA LYS A 81 7.76 17.95 9.09
C LYS A 81 8.00 19.28 8.36
N ARG A 82 6.94 19.89 7.85
CA ARG A 82 7.02 21.24 7.29
C ARG A 82 6.92 22.32 8.35
N LEU A 83 6.69 21.94 9.61
CA LEU A 83 6.61 22.89 10.71
C LEU A 83 7.75 22.76 11.70
N ILE A 84 8.42 21.61 11.73
CA ILE A 84 9.41 21.33 12.76
C ILE A 84 10.66 22.19 12.54
N GLY A 85 11.20 22.72 13.64
CA GLY A 85 12.39 23.54 13.56
C GLY A 85 12.20 24.92 12.99
N ARG A 86 10.97 25.36 12.75
CA ARG A 86 10.69 26.66 12.16
C ARG A 86 10.12 27.60 13.20
N ARG A 87 10.16 28.89 12.89
CA ARG A 87 9.59 29.92 13.74
C ARG A 87 8.17 30.23 13.31
N PHE A 88 7.37 30.72 14.26
CA PHE A 88 5.96 30.98 13.99
C PHE A 88 5.78 32.04 12.91
N ASP A 89 6.68 33.02 12.85
CA ASP A 89 6.55 34.13 11.92
C ASP A 89 7.27 33.90 10.60
N ASP A 90 7.78 32.68 10.37
CA ASP A 90 8.30 32.35 9.06
C ASP A 90 7.19 32.41 8.03
N PRO A 91 7.49 32.82 6.79
CA PRO A 91 6.42 32.94 5.78
C PRO A 91 5.75 31.61 5.46
N THR A 92 6.53 30.55 5.27
CA THR A 92 5.96 29.24 5.02
C THR A 92 5.05 28.80 6.16
N VAL A 93 5.44 29.11 7.39
CA VAL A 93 4.61 28.75 8.55
C VAL A 93 3.29 29.50 8.51
N LYS A 94 3.30 30.75 8.07
CA LYS A 94 2.07 31.53 8.02
C LYS A 94 1.14 31.01 6.92
N LYS A 95 1.67 30.75 5.73
CA LYS A 95 0.84 30.25 4.65
C LYS A 95 0.27 28.87 4.98
N ASP A 96 1.14 27.96 5.44
CA ASP A 96 0.69 26.64 5.85
C ASP A 96 -0.37 26.73 6.95
N MET A 97 -0.17 27.64 7.91
CA MET A 97 -1.16 27.83 8.96
C MET A 97 -2.49 28.32 8.39
N GLU A 98 -2.44 29.16 7.36
CA GLU A 98 -3.66 29.55 6.68
C GLU A 98 -4.33 28.36 6.01
N SER A 99 -3.54 27.39 5.56
CA SER A 99 -4.10 26.21 4.90
C SER A 99 -4.44 25.07 5.84
N TRP A 100 -3.91 25.09 7.11
CA TRP A 100 -4.12 23.92 7.96
C TRP A 100 -5.41 24.05 8.77
N PRO A 101 -6.12 22.93 8.98
CA PRO A 101 -7.38 22.98 9.72
C PRO A 101 -7.18 23.02 11.23
N PHE A 102 -6.07 22.47 11.71
CA PHE A 102 -5.78 22.53 13.13
C PHE A 102 -5.23 23.90 13.51
N LYS A 103 -5.30 24.22 14.81
CA LYS A 103 -4.95 25.53 15.31
C LYS A 103 -3.50 25.53 15.81
N VAL A 104 -2.70 26.45 15.28
CA VAL A 104 -1.31 26.61 15.67
C VAL A 104 -1.17 27.91 16.44
N VAL A 105 -0.33 27.90 17.47
CA VAL A 105 -0.28 28.95 18.48
C VAL A 105 1.18 29.30 18.71
N ASP A 106 1.47 30.59 18.84
CA ASP A 106 2.84 31.05 19.01
C ASP A 106 3.13 31.20 20.50
N ASP A 107 4.23 30.58 20.94
CA ASP A 107 4.63 30.54 22.33
C ASP A 107 6.05 31.10 22.41
N ASN A 108 6.15 32.39 22.73
CA ASN A 108 7.43 33.12 22.69
C ASN A 108 8.10 32.99 21.32
N GLY A 109 7.29 32.89 20.27
CA GLY A 109 7.78 32.73 18.91
C GLY A 109 7.81 31.29 18.42
N ASN A 110 7.70 30.32 19.32
CA ASN A 110 7.77 28.91 18.91
C ASN A 110 6.38 28.40 18.55
N PRO A 111 6.20 27.82 17.37
CA PRO A 111 4.88 27.29 17.01
C PRO A 111 4.54 26.05 17.81
N LYS A 112 3.25 25.90 18.13
CA LYS A 112 2.74 24.81 18.94
C LYS A 112 1.35 24.44 18.46
N VAL A 113 1.17 23.17 18.12
CA VAL A 113 -0.14 22.65 17.74
C VAL A 113 -1.02 22.54 18.98
N GLU A 114 -2.21 23.10 18.90
CA GLU A 114 -3.18 23.08 20.00
C GLU A 114 -4.35 22.19 19.62
N VAL A 115 -4.64 21.19 20.46
CA VAL A 115 -5.68 20.21 20.19
C VAL A 115 -6.55 20.04 21.44
N GLN A 116 -7.69 19.38 21.24
CA GLN A 116 -8.58 19.01 22.33
C GLN A 116 -8.35 17.53 22.62
N TYR A 117 -7.68 17.26 23.74
CA TYR A 117 -7.20 15.92 24.06
C TYR A 117 -7.50 15.61 25.52
N LEU A 118 -7.97 14.38 25.78
CA LEU A 118 -8.37 13.95 27.12
C LEU A 118 -9.37 14.92 27.76
N GLY A 119 -10.26 15.47 26.95
CA GLY A 119 -11.24 16.40 27.46
C GLY A 119 -10.72 17.77 27.84
N GLN A 120 -9.42 18.03 27.66
CA GLN A 120 -8.82 19.29 28.04
C GLN A 120 -7.98 19.82 26.88
N THR A 121 -7.76 21.13 26.87
CA THR A 121 -6.93 21.74 25.83
C THR A 121 -5.47 21.37 26.06
N HIS A 122 -4.77 21.10 24.96
CA HIS A 122 -3.39 20.63 25.01
C HIS A 122 -2.55 21.36 23.96
N THR A 123 -1.32 21.69 24.35
CA THR A 123 -0.35 22.31 23.45
C THR A 123 0.82 21.35 23.28
N PHE A 124 1.28 21.21 22.04
CA PHE A 124 2.37 20.30 21.70
C PHE A 124 3.36 20.98 20.77
N SER A 125 4.64 20.74 20.99
CA SER A 125 5.66 21.16 20.06
C SER A 125 5.79 20.12 18.94
N PRO A 126 6.28 20.53 17.76
CA PRO A 126 6.42 19.55 16.66
C PRO A 126 7.29 18.36 17.01
N GLN A 127 8.25 18.53 17.92
CA GLN A 127 9.08 17.41 18.35
C GLN A 127 8.26 16.34 19.06
N GLU A 128 7.17 16.73 19.72
CA GLU A 128 6.34 15.77 20.44
C GLU A 128 5.53 14.92 19.47
N ILE A 129 4.93 15.56 18.46
CA ILE A 129 4.14 14.81 17.48
C ILE A 129 5.04 13.94 16.61
N SER A 130 6.14 14.51 16.13
CA SER A 130 7.15 13.70 15.44
C SER A 130 7.59 12.54 16.32
N ALA A 131 7.75 12.79 17.63
CA ALA A 131 8.11 11.72 18.55
C ALA A 131 7.02 10.66 18.62
N MET A 132 5.75 11.05 18.50
CA MET A 132 4.68 10.07 18.47
C MET A 132 4.76 9.19 17.23
N VAL A 133 5.02 9.79 16.08
CA VAL A 133 5.18 9.00 14.85
C VAL A 133 6.35 8.03 15.00
N LEU A 134 7.50 8.56 15.44
CA LEU A 134 8.68 7.72 15.64
C LEU A 134 8.39 6.58 16.61
N THR A 135 7.58 6.84 17.63
CA THR A 135 7.22 5.78 18.57
C THR A 135 6.33 4.73 17.91
N LYS A 136 5.45 5.16 17.00
CA LYS A 136 4.63 4.20 16.27
C LYS A 136 5.49 3.28 15.42
N MET A 137 6.42 3.85 14.65
CA MET A 137 7.32 3.02 13.84
C MET A 137 8.16 2.10 14.72
N LYS A 138 8.67 2.63 15.84
CA LYS A 138 9.40 1.80 16.80
C LYS A 138 8.55 0.62 17.26
N GLU A 139 7.26 0.87 17.52
CA GLU A 139 6.39 -0.22 17.95
C GLU A 139 6.21 -1.26 16.86
N ILE A 140 6.04 -0.82 15.61
CA ILE A 140 6.00 -1.74 14.48
C ILE A 140 7.22 -2.66 14.51
N ALA A 141 8.42 -2.05 14.57
CA ALA A 141 9.63 -2.84 14.67
C ALA A 141 9.63 -3.76 15.88
N GLU A 142 8.97 -3.35 16.97
CA GLU A 142 9.02 -4.13 18.20
C GLU A 142 8.15 -5.38 18.11
N THR A 143 6.96 -5.26 17.53
CA THR A 143 6.17 -6.47 17.29
C THR A 143 6.82 -7.35 16.25
N LYS A 144 7.51 -6.76 15.27
CA LYS A 144 8.24 -7.58 14.30
C LYS A 144 9.34 -8.39 14.97
N LEU A 145 10.09 -7.76 15.87
CA LEU A 145 11.27 -8.40 16.47
C LEU A 145 10.96 -9.13 17.77
N GLY A 146 9.87 -8.79 18.45
CA GLY A 146 9.58 -9.39 19.73
C GLY A 146 10.44 -8.89 20.88
N LYS A 147 11.21 -7.83 20.68
CA LYS A 147 12.06 -7.26 21.72
C LYS A 147 11.93 -5.75 21.70
N LYS A 148 12.18 -5.14 22.86
CA LYS A 148 12.17 -3.68 22.95
C LYS A 148 13.42 -3.11 22.29
N VAL A 149 13.23 -2.12 21.42
CA VAL A 149 14.34 -1.45 20.75
C VAL A 149 14.48 -0.06 21.34
N GLU A 150 15.73 0.41 21.41
CA GLU A 150 16.02 1.72 21.98
C GLU A 150 17.09 2.50 21.22
N LYS A 151 17.67 1.93 20.18
CA LYS A 151 18.64 2.64 19.34
C LYS A 151 18.08 2.75 17.92
N ALA A 152 18.35 3.89 17.28
CA ALA A 152 17.79 4.11 15.95
C ALA A 152 18.62 5.15 15.21
N VAL A 153 18.53 5.11 13.89
CA VAL A 153 19.07 6.13 13.01
C VAL A 153 17.90 6.75 12.27
N ILE A 154 17.71 8.06 12.44
CA ILE A 154 16.57 8.78 11.90
C ILE A 154 17.02 9.64 10.74
N THR A 155 16.18 9.73 9.71
CA THR A 155 16.51 10.38 8.46
C THR A 155 15.98 11.81 8.44
N VAL A 156 16.75 12.72 7.83
CA VAL A 156 16.33 14.09 7.62
C VAL A 156 16.63 14.46 6.17
N PRO A 157 15.89 15.39 5.57
CA PRO A 157 16.24 15.84 4.21
C PRO A 157 17.63 16.45 4.18
N ALA A 158 18.27 16.38 3.00
CA ALA A 158 19.63 16.89 2.87
C ALA A 158 19.71 18.38 3.13
N TYR A 159 18.68 19.13 2.71
CA TYR A 159 18.65 20.58 2.85
C TYR A 159 18.09 21.05 4.19
N PHE A 160 17.77 20.12 5.10
CA PHE A 160 17.35 20.49 6.44
C PHE A 160 18.44 21.34 7.11
N ASN A 161 18.02 22.41 7.77
CA ASN A 161 18.98 23.32 8.39
C ASN A 161 19.24 22.91 9.84
N ASP A 162 19.98 23.74 10.56
CA ASP A 162 20.48 23.35 11.88
C ASP A 162 19.33 23.24 12.89
N ASN A 163 18.41 24.20 12.88
CA ASN A 163 17.29 24.12 13.82
C ASN A 163 16.45 22.87 13.57
N GLN A 164 16.20 22.55 12.30
CA GLN A 164 15.38 21.39 11.98
C GLN A 164 16.04 20.09 12.44
N ARG A 165 17.32 19.91 12.11
CA ARG A 165 18.04 18.69 12.49
C ARG A 165 18.00 18.46 14.00
N GLN A 166 18.41 19.47 14.78
CA GLN A 166 18.31 19.37 16.23
C GLN A 166 16.88 19.07 16.65
N ALA A 167 15.90 19.61 15.93
CA ALA A 167 14.51 19.38 16.29
C ALA A 167 14.13 17.90 16.15
N THR A 168 14.39 17.29 14.98
CA THR A 168 13.99 15.89 14.82
C THR A 168 14.86 14.96 15.65
N LYS A 169 16.11 15.33 15.92
CA LYS A 169 16.92 14.51 16.81
C LYS A 169 16.35 14.52 18.23
N ASP A 170 15.99 15.70 18.73
CA ASP A 170 15.29 15.78 20.00
C ASP A 170 13.99 15.00 19.97
N ALA A 171 13.31 14.99 18.83
CA ALA A 171 12.10 14.19 18.70
C ALA A 171 12.40 12.70 18.83
N GLY A 172 13.54 12.26 18.28
CA GLY A 172 13.96 10.89 18.50
C GLY A 172 14.30 10.60 19.94
N ALA A 173 14.80 11.59 20.67
CA ALA A 173 15.05 11.41 22.09
C ALA A 173 13.74 11.29 22.87
N ILE A 174 12.75 12.14 22.54
CA ILE A 174 11.46 12.09 23.22
C ILE A 174 10.78 10.75 22.99
N ALA A 175 10.96 10.16 21.80
CA ALA A 175 10.38 8.86 21.50
C ALA A 175 11.05 7.73 22.25
N GLY A 176 12.03 8.01 23.10
CA GLY A 176 12.70 6.97 23.86
C GLY A 176 13.78 6.22 23.12
N LEU A 177 14.31 6.81 22.05
CA LEU A 177 15.32 6.16 21.22
C LEU A 177 16.68 6.79 21.41
N ASN A 178 17.73 5.99 21.24
CA ASN A 178 19.11 6.47 21.21
C ASN A 178 19.46 6.73 19.75
N VAL A 179 19.45 8.00 19.36
CA VAL A 179 19.74 8.38 17.98
C VAL A 179 21.23 8.23 17.74
N LEU A 180 21.64 7.11 17.14
CA LEU A 180 23.05 6.87 16.86
C LEU A 180 23.57 7.81 15.78
N ARG A 181 22.71 8.22 14.85
CA ARG A 181 23.14 9.03 13.72
C ARG A 181 21.94 9.70 13.08
N ILE A 182 22.13 10.93 12.60
CA ILE A 182 21.15 11.62 11.77
C ILE A 182 21.68 11.57 10.35
N ILE A 183 21.04 10.76 9.50
CA ILE A 183 21.53 10.51 8.15
C ILE A 183 20.66 11.27 7.15
N ASN A 184 21.30 11.83 6.12
CA ASN A 184 20.56 12.53 5.08
C ASN A 184 19.87 11.53 4.17
N GLU A 185 18.64 11.86 3.78
CA GLU A 185 17.83 10.92 3.02
C GLU A 185 18.41 10.52 1.66
N PRO A 186 18.92 11.45 0.84
CA PRO A 186 19.58 11.01 -0.40
C PRO A 186 20.82 10.17 -0.15
N THR A 187 21.47 10.32 1.00
CA THR A 187 22.60 9.45 1.33
C THR A 187 22.13 8.04 1.66
N ALA A 188 21.00 7.92 2.37
CA ALA A 188 20.45 6.60 2.65
C ALA A 188 19.97 5.93 1.36
N ALA A 189 19.31 6.68 0.48
CA ALA A 189 18.94 6.13 -0.82
C ALA A 189 20.18 5.74 -1.62
N ALA A 190 21.25 6.51 -1.47
CA ALA A 190 22.51 6.19 -2.14
C ALA A 190 23.10 4.89 -1.62
N ILE A 191 22.97 4.65 -0.32
CA ILE A 191 23.39 3.36 0.24
C ILE A 191 22.53 2.24 -0.34
N ALA A 192 21.22 2.46 -0.44
CA ALA A 192 20.32 1.46 -1.00
C ALA A 192 20.69 1.13 -2.44
N TYR A 193 21.05 2.13 -3.24
CA TYR A 193 21.39 1.87 -4.64
C TYR A 193 22.78 1.25 -4.77
N GLY A 194 23.75 1.75 -4.00
CA GLY A 194 25.11 1.26 -4.15
C GLY A 194 25.35 -0.11 -3.57
N LEU A 195 24.57 -0.50 -2.57
CA LEU A 195 24.70 -1.82 -1.96
C LEU A 195 23.58 -2.78 -2.33
N GLY A 196 22.34 -2.31 -2.38
CA GLY A 196 21.21 -3.18 -2.64
C GLY A 196 20.92 -3.42 -4.11
N SER A 197 20.84 -2.34 -4.90
CA SER A 197 20.59 -2.47 -6.32
C SER A 197 21.73 -3.20 -7.03
N GLY A 198 22.94 -3.06 -6.52
CA GLY A 198 24.11 -3.63 -7.17
C GLY A 198 25.38 -2.86 -6.82
N LYS A 199 26.50 -3.56 -6.70
CA LYS A 199 27.75 -2.94 -6.31
C LYS A 199 28.84 -3.26 -7.31
N SER A 200 29.69 -2.27 -7.58
CA SER A 200 30.87 -2.45 -8.41
C SER A 200 32.04 -1.71 -7.77
N ASP A 201 33.24 -2.26 -7.97
CA ASP A 201 34.46 -1.62 -7.50
C ASP A 201 34.91 -0.48 -8.41
N LYS A 202 34.04 -0.03 -9.32
CA LYS A 202 34.37 1.05 -10.23
C LYS A 202 33.81 2.36 -9.71
N GLU A 203 34.59 3.42 -9.86
CA GLU A 203 34.19 4.75 -9.41
C GLU A 203 33.12 5.33 -10.32
N ARG A 204 32.06 5.87 -9.73
CA ARG A 204 30.95 6.39 -10.50
C ARG A 204 30.37 7.63 -9.82
N ASN A 205 29.81 8.52 -10.62
CA ASN A 205 29.12 9.71 -10.14
C ASN A 205 27.62 9.48 -10.22
N VAL A 206 26.96 9.45 -9.08
CA VAL A 206 25.54 9.10 -8.98
C VAL A 206 24.76 10.35 -8.57
N LEU A 207 23.76 10.69 -9.37
CA LEU A 207 22.84 11.79 -9.09
C LEU A 207 21.55 11.22 -8.53
N ILE A 208 21.11 11.76 -7.39
CA ILE A 208 19.91 11.30 -6.70
C ILE A 208 18.89 12.43 -6.71
N TYR A 209 17.70 12.14 -7.20
CA TYR A 209 16.61 13.09 -7.34
C TYR A 209 15.47 12.62 -6.45
N ASP A 210 15.31 13.25 -5.28
CA ASP A 210 14.33 12.85 -4.27
C ASP A 210 13.25 13.92 -4.19
N LEU A 211 12.09 13.62 -4.78
CA LEU A 211 10.93 14.50 -4.72
C LEU A 211 9.83 13.76 -3.96
N GLY A 212 9.71 14.06 -2.67
CA GLY A 212 8.76 13.36 -1.82
C GLY A 212 7.43 14.06 -1.69
N GLY A 213 6.87 14.06 -0.48
CA GLY A 213 5.56 14.64 -0.25
C GLY A 213 5.62 16.10 0.15
N GLY A 214 6.72 16.53 0.75
CA GLY A 214 6.86 17.90 1.19
C GLY A 214 8.24 18.48 0.99
N ALA A 215 9.25 17.63 0.89
CA ALA A 215 10.62 18.06 0.74
C ALA A 215 11.17 17.66 -0.62
N PHE A 216 12.22 18.35 -1.05
CA PHE A 216 12.85 18.12 -2.34
C PHE A 216 14.37 18.20 -2.16
N ASP A 217 15.06 17.16 -2.61
CA ASP A 217 16.50 17.06 -2.50
C ASP A 217 17.09 16.56 -3.81
N VAL A 218 18.27 17.07 -4.12
CA VAL A 218 19.09 16.60 -5.23
C VAL A 218 20.53 16.49 -4.72
N SER A 219 21.14 15.34 -4.87
CA SER A 219 22.50 15.14 -4.38
C SER A 219 23.36 14.49 -5.44
N LEU A 220 24.60 14.95 -5.56
CA LEU A 220 25.60 14.27 -6.37
C LEU A 220 26.62 13.64 -5.45
N LEU A 221 26.76 12.31 -5.54
CA LEU A 221 27.67 11.52 -4.74
C LEU A 221 28.70 10.82 -5.62
N ASN A 222 29.93 10.73 -5.10
CA ASN A 222 30.94 9.85 -5.66
C ASN A 222 30.85 8.51 -4.96
N ILE A 223 30.57 7.45 -5.71
CA ILE A 223 30.45 6.11 -5.17
C ILE A 223 31.61 5.27 -5.72
N GLN A 224 32.46 4.80 -4.81
CA GLN A 224 33.66 4.02 -5.13
C GLN A 224 33.68 2.83 -4.17
N GLY A 225 33.09 1.72 -4.60
CA GLY A 225 32.99 0.56 -3.74
C GLY A 225 32.14 0.80 -2.51
N GLY A 226 32.79 0.90 -1.35
CA GLY A 226 32.12 1.17 -0.10
C GLY A 226 32.20 2.60 0.38
N VAL A 227 32.86 3.48 -0.37
CA VAL A 227 32.99 4.88 0.01
C VAL A 227 31.88 5.68 -0.65
N PHE A 228 31.09 6.39 0.14
CA PHE A 228 30.03 7.25 -0.34
C PHE A 228 30.40 8.69 0.02
N THR A 229 30.75 9.48 -0.99
CA THR A 229 31.22 10.84 -0.81
C THR A 229 30.24 11.80 -1.47
N VAL A 230 29.59 12.62 -0.65
CA VAL A 230 28.62 13.60 -1.15
C VAL A 230 29.40 14.74 -1.80
N LYS A 231 29.42 14.79 -3.13
CA LYS A 231 30.07 15.89 -3.82
C LYS A 231 29.28 17.18 -3.67
N ALA A 232 27.96 17.11 -3.76
CA ALA A 232 27.16 18.33 -3.57
C ALA A 232 25.71 17.96 -3.31
N THR A 233 24.93 18.96 -2.90
CA THR A 233 23.51 18.77 -2.64
C THR A 233 22.81 20.12 -2.66
N ALA A 234 21.58 20.13 -3.16
CA ALA A 234 20.73 21.31 -3.16
C ALA A 234 19.28 20.85 -3.06
N GLY A 235 18.36 21.80 -2.95
CA GLY A 235 16.96 21.44 -2.93
C GLY A 235 16.11 22.51 -2.24
N ASP A 236 14.92 22.08 -1.84
CA ASP A 236 13.91 22.96 -1.25
C ASP A 236 13.11 22.13 -0.25
N THR A 237 13.24 22.45 1.04
CA THR A 237 12.58 21.67 2.08
C THR A 237 11.08 21.90 2.16
N HIS A 238 10.52 22.80 1.33
CA HIS A 238 9.10 23.10 1.34
C HIS A 238 8.52 23.01 -0.07
N LEU A 239 8.84 21.91 -0.76
CA LEU A 239 8.31 21.64 -2.09
C LEU A 239 8.05 20.15 -2.20
N GLY A 240 6.79 19.78 -2.45
CA GLY A 240 6.43 18.38 -2.52
C GLY A 240 5.15 18.16 -3.28
N GLY A 241 4.65 16.92 -3.21
CA GLY A 241 3.42 16.58 -3.92
C GLY A 241 2.20 17.28 -3.37
N GLN A 242 2.19 17.55 -2.06
CA GLN A 242 1.07 18.27 -1.46
C GLN A 242 0.93 19.66 -2.02
N ASP A 243 2.00 20.25 -2.53
CA ASP A 243 1.88 21.53 -3.20
C ASP A 243 1.10 21.40 -4.51
N PHE A 244 1.36 20.32 -5.25
CA PHE A 244 0.59 20.08 -6.48
C PHE A 244 -0.86 19.79 -6.16
N ASP A 245 -1.11 18.99 -5.11
CA ASP A 245 -2.47 18.81 -4.63
C ASP A 245 -3.11 20.14 -4.23
N THR A 246 -2.31 21.07 -3.70
CA THR A 246 -2.85 22.37 -3.32
C THR A 246 -3.23 23.18 -4.56
N ASN A 247 -2.40 23.13 -5.61
CA ASN A 247 -2.75 23.82 -6.85
C ASN A 247 -4.03 23.28 -7.45
N LEU A 248 -4.11 21.95 -7.60
CA LEU A 248 -5.34 21.36 -8.14
C LEU A 248 -6.54 21.65 -7.26
N LEU A 249 -6.34 21.72 -5.94
CA LEU A 249 -7.44 22.05 -5.04
C LEU A 249 -7.92 23.48 -5.25
N GLU A 250 -6.98 24.43 -5.39
CA GLU A 250 -7.37 25.81 -5.64
C GLU A 250 -8.12 25.95 -6.95
N TYR A 251 -7.66 25.26 -7.99
CA TYR A 251 -8.41 25.26 -9.24
C TYR A 251 -9.82 24.69 -9.04
N CYS A 252 -9.93 23.61 -8.27
CA CYS A 252 -11.25 23.02 -8.03
C CYS A 252 -12.16 23.95 -7.25
N LYS A 253 -11.61 24.76 -6.34
CA LYS A 253 -12.42 25.75 -5.65
C LYS A 253 -12.87 26.85 -6.60
N LYS A 254 -11.98 27.29 -7.49
CA LYS A 254 -12.36 28.26 -8.51
C LYS A 254 -13.51 27.74 -9.36
N GLU A 255 -13.43 26.48 -9.79
CA GLU A 255 -14.47 25.93 -10.66
C GLU A 255 -15.76 25.70 -9.89
N PHE A 256 -15.67 25.28 -8.63
CA PHE A 256 -16.88 25.09 -7.82
C PHE A 256 -17.60 26.41 -7.60
N THR A 257 -16.86 27.44 -7.18
CA THR A 257 -17.47 28.76 -7.02
C THR A 257 -18.00 29.30 -8.35
N ARG A 258 -17.36 28.93 -9.45
CA ARG A 258 -17.82 29.37 -10.76
C ARG A 258 -19.14 28.71 -11.13
N LYS A 259 -19.32 27.44 -10.79
CA LYS A 259 -20.49 26.67 -11.20
C LYS A 259 -21.63 26.71 -10.18
N THR A 260 -21.39 27.20 -8.96
CA THR A 260 -22.43 27.26 -7.94
C THR A 260 -22.64 28.64 -7.34
N LYS A 261 -21.78 29.63 -7.64
CA LYS A 261 -21.82 30.95 -7.02
C LYS A 261 -21.80 30.86 -5.50
N LYS A 262 -21.07 29.88 -4.97
CA LYS A 262 -20.93 29.69 -3.54
C LYS A 262 -19.51 29.23 -3.24
N ASP A 263 -19.09 29.43 -1.99
CA ASP A 263 -17.70 29.22 -1.59
C ASP A 263 -17.61 28.22 -0.45
N LEU A 264 -16.73 27.23 -0.60
CA LEU A 264 -16.50 26.21 0.42
C LEU A 264 -15.23 26.43 1.22
N SER A 265 -14.58 27.59 1.06
CA SER A 265 -13.31 27.83 1.73
C SER A 265 -13.42 27.89 3.24
N GLY A 266 -14.63 27.87 3.79
CA GLY A 266 -14.82 27.94 5.23
C GLY A 266 -15.11 26.61 5.88
N ASP A 267 -15.32 25.56 5.07
CA ASP A 267 -15.64 24.24 5.58
C ASP A 267 -14.39 23.36 5.52
N ALA A 268 -13.93 22.91 6.70
CA ALA A 268 -12.70 22.12 6.75
C ALA A 268 -12.92 20.71 6.21
N ARG A 269 -14.05 20.09 6.55
CA ARG A 269 -14.34 18.76 6.03
C ARG A 269 -14.45 18.77 4.50
N ALA A 270 -15.07 19.81 3.95
CA ALA A 270 -15.17 19.94 2.50
C ALA A 270 -13.78 20.03 1.87
N LEU A 271 -12.90 20.85 2.46
CA LEU A 271 -11.54 20.97 1.94
C LEU A 271 -10.78 19.66 2.06
N ARG A 272 -11.06 18.87 3.09
CA ARG A 272 -10.39 17.58 3.25
C ARG A 272 -10.87 16.59 2.19
N ARG A 273 -12.18 16.50 1.97
CA ARG A 273 -12.70 15.61 0.94
C ARG A 273 -12.18 16.00 -0.44
N LEU A 274 -12.23 17.29 -0.77
CA LEU A 274 -11.73 17.75 -2.06
C LEU A 274 -10.24 17.51 -2.19
N ARG A 275 -9.49 17.65 -1.08
CA ARG A 275 -8.06 17.41 -1.13
C ARG A 275 -7.75 15.94 -1.37
N THR A 276 -8.48 15.04 -0.70
CA THR A 276 -8.30 13.61 -0.96
C THR A 276 -8.63 13.27 -2.40
N ALA A 277 -9.73 13.81 -2.93
CA ALA A 277 -10.07 13.57 -4.33
C ALA A 277 -9.02 14.14 -5.28
N CYS A 278 -8.35 15.24 -4.87
CA CYS A 278 -7.33 15.81 -5.73
C CYS A 278 -6.06 14.97 -5.73
N GLU A 279 -5.65 14.48 -4.56
CA GLU A 279 -4.51 13.57 -4.51
C GLU A 279 -4.77 12.30 -5.30
N ARG A 280 -5.97 11.73 -5.14
CA ARG A 280 -6.36 10.56 -5.91
C ARG A 280 -6.33 10.84 -7.41
N ALA A 281 -6.85 12.01 -7.81
CA ALA A 281 -6.88 12.37 -9.23
C ALA A 281 -5.47 12.58 -9.78
N LYS A 282 -4.55 13.07 -8.95
CA LYS A 282 -3.16 13.18 -9.37
C LYS A 282 -2.55 11.81 -9.58
N ARG A 283 -2.70 10.91 -8.61
CA ARG A 283 -2.22 9.54 -8.76
C ARG A 283 -2.76 8.90 -10.03
N THR A 284 -4.04 9.12 -10.32
CA THR A 284 -4.62 8.57 -11.55
C THR A 284 -4.02 9.23 -12.78
N LEU A 285 -3.78 10.54 -12.72
CA LEU A 285 -3.23 11.25 -13.87
C LEU A 285 -1.79 10.87 -14.16
N SER A 286 -1.08 10.29 -13.18
CA SER A 286 0.26 9.78 -13.48
C SER A 286 0.22 8.62 -14.46
N SER A 287 -0.90 7.90 -14.54
CA SER A 287 -1.02 6.73 -15.39
C SER A 287 -1.82 7.01 -16.67
N GLY A 288 -2.92 7.75 -16.56
CA GLY A 288 -3.77 8.05 -17.69
C GLY A 288 -3.61 9.48 -18.19
N ALA A 289 -4.43 9.79 -19.19
CA ALA A 289 -4.43 11.12 -19.80
C ALA A 289 -5.56 12.01 -19.31
N GLN A 290 -6.49 11.48 -18.54
CA GLN A 290 -7.61 12.26 -18.01
C GLN A 290 -8.26 11.48 -16.88
N THR A 291 -8.98 12.21 -16.02
CA THR A 291 -9.73 11.60 -14.93
C THR A 291 -10.89 12.51 -14.60
N THR A 292 -11.74 12.03 -13.68
CA THR A 292 -12.95 12.75 -13.28
C THR A 292 -13.06 12.77 -11.77
N ILE A 293 -13.36 13.94 -11.22
CA ILE A 293 -13.64 14.10 -9.80
C ILE A 293 -15.14 14.26 -9.63
N GLU A 294 -15.76 13.34 -8.90
CA GLU A 294 -17.19 13.34 -8.63
C GLU A 294 -17.39 13.08 -7.15
N ILE A 295 -17.82 14.11 -6.42
CA ILE A 295 -18.01 14.05 -4.98
C ILE A 295 -19.33 14.74 -4.66
N ASP A 296 -20.23 14.04 -3.98
CA ASP A 296 -21.60 14.49 -3.76
C ASP A 296 -21.74 15.16 -2.40
N SER A 297 -22.59 16.19 -2.36
CA SER A 297 -22.81 16.99 -1.14
C SER A 297 -21.49 17.49 -0.56
N LEU A 298 -20.62 17.98 -1.44
CA LEU A 298 -19.34 18.54 -1.00
C LEU A 298 -19.55 19.72 -0.06
N PHE A 299 -20.45 20.63 -0.43
CA PHE A 299 -20.70 21.82 0.36
C PHE A 299 -22.11 22.33 0.10
N ASP A 300 -22.77 22.78 1.18
CA ASP A 300 -24.10 23.39 1.09
C ASP A 300 -25.08 22.49 0.33
N GLY A 301 -24.91 21.18 0.45
CA GLY A 301 -25.74 20.26 -0.32
C GLY A 301 -25.57 20.40 -1.82
N GLU A 302 -24.43 20.90 -2.26
CA GLU A 302 -24.15 21.07 -3.68
C GLU A 302 -23.18 19.98 -4.12
N ASP A 303 -23.54 19.24 -5.16
CA ASP A 303 -22.65 18.22 -5.69
C ASP A 303 -21.52 18.86 -6.49
N PHE A 304 -20.47 18.09 -6.72
CA PHE A 304 -19.29 18.57 -7.44
C PHE A 304 -18.84 17.51 -8.42
N ASN A 305 -18.69 17.89 -9.69
CA ASN A 305 -18.31 16.96 -10.75
C ASN A 305 -17.57 17.73 -11.83
N ILE A 306 -16.28 17.47 -11.99
CA ILE A 306 -15.48 18.08 -13.05
C ILE A 306 -14.55 17.02 -13.61
N GLN A 307 -13.92 17.36 -14.73
CA GLN A 307 -12.94 16.49 -15.38
C GLN A 307 -11.58 17.18 -15.37
N ILE A 308 -10.54 16.46 -14.99
CA ILE A 308 -9.18 16.98 -14.94
C ILE A 308 -8.34 16.22 -15.95
N THR A 309 -7.76 16.94 -16.91
CA THR A 309 -6.83 16.36 -17.86
C THR A 309 -5.40 16.44 -17.32
N ARG A 310 -4.52 15.62 -17.89
CA ARG A 310 -3.12 15.67 -17.49
C ARG A 310 -2.49 17.01 -17.88
N ALA A 311 -2.85 17.54 -19.05
CA ALA A 311 -2.32 18.83 -19.47
C ALA A 311 -2.76 19.95 -18.53
N ARG A 312 -3.99 19.84 -17.99
CA ARG A 312 -4.44 20.83 -17.01
C ARG A 312 -3.62 20.76 -15.74
N PHE A 313 -3.31 19.56 -15.27
CA PHE A 313 -2.52 19.39 -14.06
C PHE A 313 -1.10 19.92 -14.26
N GLU A 314 -0.46 19.53 -15.36
CA GLU A 314 0.89 20.00 -15.65
C GLU A 314 0.94 21.50 -15.85
N ASP A 315 -0.11 22.08 -16.44
CA ASP A 315 -0.19 23.52 -16.56
C ASP A 315 -0.36 24.18 -15.19
N LEU A 316 -1.10 23.52 -14.29
CA LEU A 316 -1.28 24.06 -12.94
C LEU A 316 0.00 24.02 -12.14
N ASN A 317 0.90 23.08 -12.44
CA ASN A 317 2.16 22.96 -11.69
C ASN A 317 3.37 23.18 -12.57
N ALA A 318 3.22 23.97 -13.65
CA ALA A 318 4.31 24.13 -14.62
C ALA A 318 5.50 24.86 -14.01
N LYS A 319 5.24 25.88 -13.18
CA LYS A 319 6.34 26.67 -12.63
C LYS A 319 7.16 25.85 -11.63
N ALA A 320 6.50 25.05 -10.80
CA ALA A 320 7.23 24.23 -9.84
C ALA A 320 7.95 23.09 -10.53
N PHE A 321 7.26 22.38 -11.43
CA PHE A 321 7.89 21.32 -12.20
C PHE A 321 9.14 21.83 -12.92
N ALA A 322 9.02 22.97 -13.61
CA ALA A 322 10.18 23.55 -14.25
C ALA A 322 11.22 23.98 -13.23
N GLY A 323 10.76 24.35 -12.03
CA GLY A 323 11.69 24.80 -11.01
C GLY A 323 12.55 23.69 -10.41
N THR A 324 12.07 22.44 -10.47
CA THR A 324 12.83 21.32 -9.92
C THR A 324 14.19 21.15 -10.62
N LEU A 325 14.36 21.68 -11.83
CA LEU A 325 15.61 21.51 -12.54
C LEU A 325 16.71 22.42 -12.01
N GLU A 326 16.35 23.55 -11.41
CA GLU A 326 17.36 24.49 -10.93
C GLU A 326 18.27 23.92 -9.85
N PRO A 327 17.79 23.19 -8.83
CA PRO A 327 18.72 22.55 -7.89
C PRO A 327 19.60 21.50 -8.53
N VAL A 328 19.18 20.89 -9.64
CA VAL A 328 20.03 19.92 -10.33
C VAL A 328 21.21 20.64 -10.98
N ALA A 329 20.93 21.71 -11.71
CA ALA A 329 22.02 22.54 -12.24
C ALA A 329 22.88 23.09 -11.12
N GLN A 330 22.29 23.39 -9.97
CA GLN A 330 23.07 23.88 -8.84
C GLN A 330 24.02 22.82 -8.32
N VAL A 331 23.56 21.57 -8.24
CA VAL A 331 24.42 20.49 -7.78
C VAL A 331 25.53 20.22 -8.80
N LEU A 332 25.23 20.40 -10.09
CA LEU A 332 26.25 20.18 -11.11
C LEU A 332 27.30 21.28 -11.08
N LYS A 333 26.88 22.53 -10.84
CA LYS A 333 27.84 23.62 -10.73
C LYS A 333 28.70 23.48 -9.47
N ASP A 334 28.05 23.19 -8.33
CA ASP A 334 28.79 23.07 -7.09
C ASP A 334 29.78 21.92 -7.13
N ALA A 335 29.38 20.77 -7.68
CA ALA A 335 30.27 19.63 -7.75
C ALA A 335 31.32 19.76 -8.85
N GLY A 336 31.22 20.77 -9.71
CA GLY A 336 32.15 20.89 -10.82
C GLY A 336 32.04 19.75 -11.80
N ILE A 337 30.82 19.31 -12.10
CA ILE A 337 30.58 18.14 -12.94
C ILE A 337 29.65 18.54 -14.07
N GLU A 338 29.95 18.06 -15.28
CA GLU A 338 29.11 18.29 -16.44
C GLU A 338 28.04 17.20 -16.54
N LYS A 339 27.04 17.46 -17.38
CA LYS A 339 25.93 16.52 -17.51
C LYS A 339 26.39 15.16 -18.02
N HIS A 340 27.38 15.15 -18.92
CA HIS A 340 27.82 13.87 -19.48
CA HIS A 340 27.88 13.91 -19.49
C HIS A 340 28.53 13.02 -18.43
N GLN A 341 29.15 13.64 -17.43
CA GLN A 341 29.89 12.90 -16.41
C GLN A 341 28.99 12.23 -15.39
N VAL A 342 27.69 12.51 -15.39
CA VAL A 342 26.76 11.85 -14.50
C VAL A 342 26.50 10.44 -15.02
N ASP A 343 26.78 9.44 -14.19
CA ASP A 343 26.68 8.05 -14.61
C ASP A 343 25.27 7.49 -14.46
N GLU A 344 24.60 7.73 -13.33
CA GLU A 344 23.26 7.23 -13.13
C GLU A 344 22.40 8.29 -12.45
N ILE A 345 21.13 8.35 -12.83
CA ILE A 345 20.16 9.26 -12.26
C ILE A 345 19.10 8.40 -11.57
N VAL A 346 19.13 8.36 -10.24
CA VAL A 346 18.21 7.52 -9.48
C VAL A 346 17.08 8.38 -8.94
N LEU A 347 15.88 7.81 -8.93
CA LEU A 347 14.66 8.50 -8.54
C LEU A 347 14.21 8.03 -7.17
N VAL A 348 13.91 8.97 -6.28
CA VAL A 348 13.46 8.68 -4.93
C VAL A 348 12.27 9.59 -4.64
N GLY A 349 11.29 9.05 -3.91
CA GLY A 349 10.11 9.81 -3.57
C GLY A 349 8.93 9.47 -4.44
N GLY A 350 7.74 9.48 -3.84
CA GLY A 350 6.55 9.11 -4.57
C GLY A 350 6.22 10.06 -5.71
N SER A 351 6.37 11.36 -5.47
CA SER A 351 6.10 12.36 -6.49
C SER A 351 6.96 12.19 -7.73
N THR A 352 8.01 11.36 -7.68
CA THR A 352 8.81 11.10 -8.86
C THR A 352 8.03 10.34 -9.92
N ARG A 353 6.90 9.71 -9.55
CA ARG A 353 6.09 8.98 -10.51
C ARG A 353 5.38 9.88 -11.51
N ILE A 354 5.35 11.18 -11.27
CA ILE A 354 4.73 12.14 -12.18
C ILE A 354 5.48 12.12 -13.51
N PRO A 355 4.82 11.78 -14.62
CA PRO A 355 5.55 11.65 -15.90
C PRO A 355 6.17 12.95 -16.39
N ARG A 356 5.58 14.10 -16.03
CA ARG A 356 6.16 15.38 -16.43
C ARG A 356 7.53 15.57 -15.78
N ILE A 357 7.67 15.17 -14.52
CA ILE A 357 8.95 15.30 -13.82
C ILE A 357 10.02 14.46 -14.52
N GLN A 358 9.71 13.20 -14.82
CA GLN A 358 10.66 12.33 -15.50
C GLN A 358 10.99 12.86 -16.88
N LYS A 359 10.00 13.43 -17.57
CA LYS A 359 10.26 14.05 -18.87
C LYS A 359 11.25 15.19 -18.75
N LEU A 360 11.03 16.08 -17.78
CA LEU A 360 11.96 17.19 -17.56
C LEU A 360 13.36 16.70 -17.22
N LEU A 361 13.46 15.70 -16.35
CA LEU A 361 14.77 15.19 -15.95
C LEU A 361 15.51 14.56 -17.13
N SER A 362 14.81 13.73 -17.90
CA SER A 362 15.45 13.07 -19.04
C SER A 362 15.85 14.08 -20.11
N GLU A 363 15.01 15.09 -20.34
CA GLU A 363 15.38 16.14 -21.29
C GLU A 363 16.58 16.94 -20.80
N PHE A 364 16.70 17.12 -19.47
CA PHE A 364 17.84 17.86 -18.93
C PHE A 364 19.16 17.15 -19.21
N PHE A 365 19.14 15.82 -19.26
CA PHE A 365 20.34 15.02 -19.53
C PHE A 365 20.37 14.47 -20.96
N ASP A 366 19.80 15.22 -21.91
CA ASP A 366 19.84 14.87 -23.33
C ASP A 366 19.20 13.50 -23.59
N GLY A 367 18.03 13.28 -23.00
CA GLY A 367 17.28 12.06 -23.24
C GLY A 367 17.86 10.81 -22.62
N LYS A 368 18.67 10.94 -21.57
CA LYS A 368 19.24 9.77 -20.92
C LYS A 368 18.19 9.07 -20.08
N LYS A 369 18.26 7.75 -20.03
CA LYS A 369 17.31 6.97 -19.26
C LYS A 369 17.59 7.10 -17.76
N LEU A 370 16.53 7.29 -16.99
CA LEU A 370 16.64 7.40 -15.55
C LEU A 370 16.61 6.01 -14.91
N GLU A 371 17.37 5.86 -13.82
CA GLU A 371 17.50 4.58 -13.15
C GLU A 371 16.37 4.41 -12.14
N LYS A 372 15.61 3.33 -12.27
CA LYS A 372 14.48 3.04 -11.40
C LYS A 372 14.63 1.67 -10.74
N SER A 373 15.86 1.27 -10.42
CA SER A 373 16.08 -0.08 -9.90
C SER A 373 15.61 -0.21 -8.46
N ILE A 374 15.96 0.77 -7.62
CA ILE A 374 15.59 0.71 -6.21
C ILE A 374 14.11 1.07 -6.05
N ASN A 375 13.57 0.75 -4.89
CA ASN A 375 12.18 1.07 -4.58
C ASN A 375 12.07 2.52 -4.13
N PRO A 376 11.28 3.35 -4.80
CA PRO A 376 11.25 4.78 -4.46
C PRO A 376 10.59 5.08 -3.12
N ASP A 377 9.96 4.10 -2.47
CA ASP A 377 9.29 4.32 -1.20
C ASP A 377 10.05 3.80 0.01
N GLU A 378 11.01 2.89 -0.19
CA GLU A 378 11.69 2.23 0.92
C GLU A 378 13.20 2.36 0.89
N ALA A 379 13.76 3.10 -0.07
CA ALA A 379 15.23 3.19 -0.17
C ALA A 379 15.82 3.94 1.00
N VAL A 380 15.14 4.98 1.48
CA VAL A 380 15.66 5.78 2.59
C VAL A 380 15.71 4.95 3.86
N ALA A 381 14.62 4.25 4.18
CA ALA A 381 14.62 3.36 5.34
C ALA A 381 15.59 2.20 5.14
N TYR A 382 15.81 1.80 3.89
CA TYR A 382 16.82 0.78 3.58
C TYR A 382 18.20 1.23 4.04
N GLY A 383 18.68 2.35 3.49
CA GLY A 383 20.02 2.81 3.84
C GLY A 383 20.15 3.19 5.30
N ALA A 384 19.12 3.84 5.86
CA ALA A 384 19.14 4.18 7.28
C ALA A 384 19.24 2.92 8.13
N ALA A 385 18.53 1.86 7.74
CA ALA A 385 18.61 0.61 8.48
C ALA A 385 20.00 -0.01 8.34
N VAL A 386 20.64 0.14 7.18
CA VAL A 386 21.99 -0.37 7.01
C VAL A 386 22.96 0.34 7.96
N GLN A 387 22.94 1.68 7.94
CA GLN A 387 23.86 2.43 8.81
C GLN A 387 23.55 2.18 10.28
N ALA A 388 22.27 1.98 10.63
CA ALA A 388 21.93 1.66 12.01
C ALA A 388 22.48 0.30 12.41
N GLY A 389 22.36 -0.69 11.52
CA GLY A 389 22.89 -2.01 11.81
C GLY A 389 24.40 -2.01 11.97
N ILE A 390 25.10 -1.26 11.12
CA ILE A 390 26.55 -1.16 11.26
C ILE A 390 26.92 -0.44 12.55
N LEU A 391 26.23 0.65 12.86
CA LEU A 391 26.57 1.45 14.04
C LEU A 391 26.31 0.67 15.32
N SER A 392 25.24 -0.12 15.37
CA SER A 392 24.93 -0.88 16.57
C SER A 392 25.85 -2.09 16.77
N GLY A 393 26.71 -2.40 15.80
CA GLY A 393 27.56 -3.57 15.89
C GLY A 393 26.89 -4.88 15.54
N LYS A 394 25.57 -4.88 15.34
CA LYS A 394 24.88 -6.12 14.99
C LYS A 394 25.33 -6.63 13.62
N ALA A 395 25.63 -5.73 12.69
CA ALA A 395 26.14 -6.10 11.38
C ALA A 395 27.66 -6.13 11.43
N THR A 396 28.23 -7.30 11.22
CA THR A 396 29.68 -7.50 11.34
C THR A 396 30.24 -8.06 10.04
N SER A 397 31.43 -7.56 9.66
CA SER A 397 32.22 -8.09 8.55
C SER A 397 31.50 -7.98 7.21
N ALA A 398 30.37 -8.67 7.07
CA ALA A 398 29.66 -8.71 5.80
C ALA A 398 29.22 -7.32 5.36
N ASP A 399 29.57 -6.97 4.12
CA ASP A 399 29.26 -5.75 3.35
C ASP A 399 30.55 -4.96 3.08
N ASP A 402 33.14 -2.04 4.76
CA ASP A 402 33.95 -0.92 4.29
C ASP A 402 33.11 0.32 4.03
N LEU A 403 31.90 0.33 4.57
CA LEU A 403 30.97 1.43 4.35
C LEU A 403 31.51 2.70 5.01
N LEU A 404 31.67 3.76 4.21
CA LEU A 404 32.12 5.05 4.70
C LEU A 404 31.22 6.13 4.12
N LEU A 405 30.74 7.01 5.00
CA LEU A 405 29.84 8.11 4.60
C LEU A 405 30.54 9.43 4.85
N LEU A 406 30.73 10.20 3.78
CA LEU A 406 31.31 11.54 3.85
C LEU A 406 30.25 12.53 3.34
N ASP A 407 29.54 13.15 4.27
CA ASP A 407 28.48 14.09 3.95
C ASP A 407 28.97 15.52 4.09
N VAL A 408 28.14 16.46 3.62
CA VAL A 408 28.49 17.87 3.60
C VAL A 408 27.36 18.66 4.26
N VAL A 409 27.64 19.93 4.54
CA VAL A 409 26.64 20.84 5.07
C VAL A 409 25.86 21.42 3.89
N PRO A 410 24.55 21.55 3.99
CA PRO A 410 23.77 22.00 2.82
C PRO A 410 23.85 23.50 2.59
N LEU A 411 23.89 24.27 3.68
CA LEU A 411 23.89 25.72 3.61
C LEU A 411 25.00 26.28 4.49
N SER A 412 25.52 27.43 4.09
CA SER A 412 26.64 28.03 4.80
C SER A 412 26.21 28.53 6.17
N LEU A 413 27.04 28.27 7.18
CA LEU A 413 26.82 28.73 8.54
C LEU A 413 27.72 29.95 8.77
N GLY A 414 27.11 31.07 9.19
CA GLY A 414 27.88 32.28 9.37
C GLY A 414 27.31 33.25 10.39
N VAL A 415 27.86 34.47 10.42
CA VAL A 415 27.40 35.49 11.35
C VAL A 415 26.88 36.68 10.57
N ALA A 416 26.33 37.68 11.27
CA ALA A 416 25.90 38.93 10.64
C ALA A 416 26.85 40.04 11.07
N MET A 417 27.31 40.84 10.11
CA MET A 417 28.21 41.95 10.33
C MET A 417 27.42 43.25 10.48
N GLU A 418 28.14 44.37 10.43
CA GLU A 418 27.48 45.67 10.37
C GLU A 418 26.63 45.78 9.11
N GLY A 419 25.44 46.34 9.26
CA GLY A 419 24.50 46.40 8.15
C GLY A 419 23.74 45.12 7.90
N ASN A 420 23.80 44.15 8.82
CA ASN A 420 23.09 42.87 8.69
C ASN A 420 23.54 42.11 7.45
N ILE A 421 24.84 42.10 7.21
CA ILE A 421 25.43 41.51 6.01
C ILE A 421 26.08 40.18 6.38
N PHE A 422 25.75 39.14 5.62
CA PHE A 422 26.15 37.78 5.97
C PHE A 422 27.64 37.57 5.75
N ALA A 423 28.32 37.14 6.79
CA ALA A 423 29.73 36.72 6.69
C ALA A 423 29.81 35.22 6.93
N PRO A 424 30.14 34.42 5.92
CA PRO A 424 30.16 32.96 6.11
C PRO A 424 31.38 32.51 6.90
N VAL A 425 31.15 31.52 7.75
CA VAL A 425 32.22 30.88 8.52
C VAL A 425 32.47 29.45 8.04
N VAL A 426 31.41 28.67 7.91
CA VAL A 426 31.46 27.32 7.36
C VAL A 426 30.75 27.35 6.01
N PRO A 427 31.45 27.17 4.89
CA PRO A 427 30.80 27.27 3.58
C PRO A 427 30.02 26.01 3.24
N ARG A 428 29.09 26.16 2.31
CA ARG A 428 28.32 25.02 1.84
C ARG A 428 29.21 24.07 1.07
N GLY A 429 28.91 22.77 1.19
CA GLY A 429 29.73 21.74 0.60
C GLY A 429 30.88 21.28 1.47
N GLN A 430 31.11 21.92 2.62
CA GLN A 430 32.18 21.52 3.51
C GLN A 430 31.91 20.14 4.08
N THR A 431 32.91 19.27 4.02
CA THR A 431 32.75 17.89 4.48
C THR A 431 32.55 17.86 6.00
N VAL A 432 31.84 16.84 6.45
CA VAL A 432 31.47 16.70 7.86
C VAL A 432 32.17 15.47 8.46
N PRO A 433 32.66 15.59 9.71
CA PRO A 433 32.64 16.76 10.60
C PRO A 433 33.69 17.82 10.24
N THR A 434 33.56 19.03 10.78
CA THR A 434 34.49 20.09 10.41
C THR A 434 34.61 21.10 11.55
N ILE A 435 35.71 21.85 11.50
CA ILE A 435 36.01 22.92 12.46
C ILE A 435 36.39 24.16 11.67
N LYS A 436 35.68 25.26 11.91
CA LYS A 436 36.03 26.54 11.33
C LYS A 436 36.13 27.58 12.43
N LYS A 437 36.80 28.70 12.13
CA LYS A 437 37.07 29.73 13.12
C LYS A 437 36.83 31.10 12.52
N ARG A 438 36.50 32.06 13.40
CA ARG A 438 36.41 33.46 13.00
C ARG A 438 36.67 34.32 14.23
N THR A 439 37.44 35.38 14.03
CA THR A 439 37.92 36.23 15.12
C THR A 439 37.00 37.42 15.34
N PHE A 440 36.74 37.74 16.60
CA PHE A 440 36.01 38.93 17.01
C PHE A 440 36.86 39.71 17.99
N THR A 441 36.49 40.97 18.23
CA THR A 441 37.20 41.80 19.19
C THR A 441 36.28 42.91 19.66
N THR A 442 36.74 43.64 20.66
CA THR A 442 35.96 44.73 21.26
C THR A 442 36.25 46.04 20.56
N VAL A 443 35.32 46.99 20.74
CA VAL A 443 35.44 48.31 20.15
C VAL A 443 35.58 49.42 21.19
N ALA A 444 35.61 49.07 22.48
CA ALA A 444 35.76 50.05 23.53
C ALA A 444 36.59 49.45 24.66
N ASP A 445 37.08 50.32 25.54
CA ASP A 445 37.91 49.87 26.65
C ASP A 445 37.05 49.18 27.70
N ASN A 446 37.58 48.08 28.25
CA ASN A 446 36.92 47.30 29.29
C ASN A 446 35.55 46.79 28.85
N GLN A 447 35.39 46.57 27.55
CA GLN A 447 34.13 46.06 27.03
C GLN A 447 33.92 44.62 27.50
N GLN A 448 32.69 44.32 27.95
CA GLN A 448 32.40 43.04 28.57
C GLN A 448 31.55 42.11 27.72
N THR A 449 30.81 42.63 26.74
CA THR A 449 29.93 41.82 25.92
C THR A 449 30.21 42.07 24.45
N VAL A 450 30.29 41.00 23.67
CA VAL A 450 30.27 41.08 22.21
C VAL A 450 29.18 40.14 21.72
N GLN A 451 28.21 40.69 20.99
CA GLN A 451 26.99 39.98 20.63
C GLN A 451 26.85 39.96 19.11
N PHE A 452 26.54 38.80 18.55
CA PHE A 452 26.44 38.67 17.11
C PHE A 452 25.38 37.63 16.77
N PRO A 453 24.63 37.83 15.68
CA PRO A 453 23.66 36.82 15.24
C PRO A 453 24.27 35.79 14.31
N VAL A 454 24.00 34.52 14.59
CA VAL A 454 24.42 33.41 13.74
C VAL A 454 23.26 33.00 12.85
N TYR A 455 23.53 32.94 11.54
CA TYR A 455 22.56 32.61 10.51
C TYR A 455 23.05 31.41 9.69
N GLN A 456 22.12 30.84 8.92
CA GLN A 456 22.44 29.85 7.90
C GLN A 456 21.78 30.26 6.60
N GLY A 457 22.48 30.05 5.50
CA GLY A 457 21.98 30.40 4.19
C GLY A 457 23.12 30.84 3.29
N GLU A 458 22.76 31.47 2.18
CA GLU A 458 23.74 31.91 1.19
C GLU A 458 23.60 33.38 0.80
N ARG A 459 22.48 34.03 1.08
CA ARG A 459 22.26 35.39 0.62
C ARG A 459 23.08 36.38 1.44
N VAL A 460 23.36 37.54 0.82
CA VAL A 460 24.19 38.54 1.46
C VAL A 460 23.43 39.22 2.60
N ASN A 461 22.17 39.56 2.38
CA ASN A 461 21.35 40.16 3.42
C ASN A 461 20.73 39.06 4.28
N CYS A 462 21.08 39.04 5.57
CA CYS A 462 20.58 38.00 6.47
C CYS A 462 19.08 38.04 6.65
N GLU A 463 18.42 39.07 6.13
CA GLU A 463 16.96 39.09 6.10
C GLU A 463 16.42 37.90 5.31
N ASP A 464 17.19 37.39 4.37
CA ASP A 464 16.79 36.25 3.55
C ASP A 464 17.47 34.96 3.96
N ASN A 465 18.11 34.94 5.13
CA ASN A 465 18.72 33.75 5.69
C ASN A 465 17.89 33.26 6.87
N THR A 466 18.32 32.13 7.46
CA THR A 466 17.63 31.54 8.60
C THR A 466 18.42 31.83 9.87
N LEU A 467 17.78 32.51 10.81
CA LEU A 467 18.46 32.89 12.04
C LEU A 467 18.67 31.67 12.92
N LEU A 468 19.94 31.36 13.21
CA LEU A 468 20.24 30.33 14.19
C LEU A 468 20.13 30.87 15.60
N GLY A 469 20.55 32.11 15.83
CA GLY A 469 20.25 32.72 17.10
C GLY A 469 21.18 33.87 17.43
N GLU A 470 20.79 34.60 18.47
CA GLU A 470 21.61 35.69 19.01
C GLU A 470 22.61 35.12 20.00
N PHE A 471 23.90 35.25 19.69
CA PHE A 471 24.97 34.70 20.50
C PHE A 471 25.66 35.83 21.26
N THR A 472 25.63 35.75 22.58
CA THR A 472 26.21 36.74 23.46
C THR A 472 27.48 36.17 24.10
N LEU A 473 28.58 36.88 23.95
CA LEU A 473 29.87 36.48 24.51
C LEU A 473 30.21 37.44 25.63
N ALA A 474 30.22 36.93 26.86
CA ALA A 474 30.43 37.74 28.06
C ALA A 474 30.72 36.86 29.26
N PRO A 475 31.60 37.32 30.17
CA PRO A 475 32.31 38.59 30.10
C PRO A 475 33.63 38.49 29.32
N ILE A 476 34.32 39.61 29.18
CA ILE A 476 35.59 39.68 28.47
C ILE A 476 36.63 40.26 29.41
N PRO A 477 37.85 39.72 29.44
CA PRO A 477 38.90 40.29 30.30
C PRO A 477 39.09 41.77 30.03
N PRO A 478 39.21 42.58 31.08
CA PRO A 478 39.30 44.04 30.89
C PRO A 478 40.57 44.45 30.16
N MET A 479 40.44 44.72 28.87
CA MET A 479 41.54 45.18 28.03
C MET A 479 41.11 46.42 27.27
N LYS A 480 42.07 47.06 26.62
CA LYS A 480 41.77 48.23 25.81
C LYS A 480 41.03 47.82 24.54
N ALA A 481 40.55 48.82 23.81
CA ALA A 481 39.72 48.55 22.63
C ALA A 481 40.51 47.79 21.57
N GLY A 482 39.87 46.77 21.00
CA GLY A 482 40.47 45.98 19.95
C GLY A 482 41.66 45.16 20.36
N GLU A 483 41.88 44.96 21.66
CA GLU A 483 43.05 44.24 22.14
C GLU A 483 42.79 42.75 22.28
N PRO A 484 41.69 42.30 22.90
CA PRO A 484 41.47 40.86 22.98
C PRO A 484 41.15 40.25 21.63
N VAL A 485 41.62 39.03 21.43
CA VAL A 485 41.38 38.27 20.20
C VAL A 485 40.46 37.12 20.56
N LEU A 486 39.18 37.26 20.19
CA LEU A 486 38.12 36.32 20.56
C LEU A 486 37.93 35.32 19.42
N GLU A 487 38.63 34.19 19.50
CA GLU A 487 38.50 33.13 18.51
C GLU A 487 37.20 32.38 18.73
N VAL A 488 36.29 32.45 17.75
CA VAL A 488 35.01 31.76 17.81
C VAL A 488 35.08 30.54 16.91
N VAL A 489 34.61 29.40 17.42
CA VAL A 489 34.76 28.11 16.76
C VAL A 489 33.38 27.60 16.37
N PHE A 490 33.21 27.35 15.07
CA PHE A 490 32.02 26.69 14.52
C PHE A 490 32.40 25.24 14.23
N GLU A 491 31.91 24.32 15.07
CA GLU A 491 32.15 22.90 14.90
C GLU A 491 30.88 22.22 14.40
N VAL A 492 31.02 21.35 13.41
CA VAL A 492 29.89 20.60 12.86
C VAL A 492 30.21 19.12 13.00
N ASP A 493 29.39 18.40 13.78
CA ASP A 493 29.64 17.00 14.08
C ASP A 493 29.14 16.13 12.94
N VAL A 494 29.12 14.81 13.16
CA VAL A 494 28.74 13.87 12.11
C VAL A 494 27.26 13.95 11.79
N ASN A 495 26.43 14.42 12.72
CA ASN A 495 25.01 14.60 12.45
C ASN A 495 24.72 15.85 11.63
N GLY A 496 25.72 16.69 11.39
CA GLY A 496 25.50 17.95 10.70
C GLY A 496 25.00 19.06 11.59
N ILE A 497 25.12 18.91 12.90
CA ILE A 497 24.62 19.89 13.86
C ILE A 497 25.75 20.80 14.29
N LEU A 498 25.46 22.09 14.42
CA LEU A 498 26.46 23.09 14.74
C LEU A 498 26.54 23.31 16.25
N LYS A 499 27.75 23.22 16.78
CA LYS A 499 28.07 23.66 18.14
C LYS A 499 29.15 24.73 18.05
N VAL A 500 28.90 25.89 18.66
CA VAL A 500 29.84 26.99 18.63
C VAL A 500 30.47 27.13 20.01
N THR A 501 31.73 27.54 20.03
CA THR A 501 32.45 27.78 21.28
C THR A 501 33.27 29.06 21.10
N ALA A 502 33.89 29.51 22.19
CA ALA A 502 34.66 30.73 22.19
C ALA A 502 35.88 30.61 23.10
N THR A 503 37.01 31.11 22.62
CA THR A 503 38.23 31.16 23.42
C THR A 503 38.91 32.49 23.17
N GLU A 504 39.79 32.86 24.09
CA GLU A 504 40.57 34.10 24.00
C GLU A 504 42.04 33.70 23.86
N LYS A 505 42.56 33.72 22.63
CA LYS A 505 43.90 33.21 22.37
C LYS A 505 44.94 33.84 23.28
N THR A 506 44.69 35.06 23.75
CA THR A 506 45.54 35.67 24.76
C THR A 506 45.12 35.12 26.13
N SER A 507 46.00 34.33 26.73
CA SER A 507 45.80 33.70 28.04
C SER A 507 44.77 32.57 28.02
N GLY A 508 44.38 32.10 26.84
CA GLY A 508 43.48 30.96 26.76
C GLY A 508 42.11 31.32 27.31
N ARG A 509 41.70 30.60 28.36
CA ARG A 509 40.44 30.86 29.06
C ARG A 509 39.23 30.65 28.17
N SER A 510 38.44 29.62 28.46
CA SER A 510 37.16 29.44 27.79
C SER A 510 36.21 30.58 28.16
N ALA A 511 35.64 31.22 27.15
CA ALA A 511 34.75 32.35 27.35
C ALA A 511 33.30 31.89 27.16
N ASN A 512 32.43 32.32 28.07
CA ASN A 512 31.08 31.78 28.13
C ASN A 512 30.21 32.34 27.00
N ILE A 513 29.42 31.45 26.39
CA ILE A 513 28.52 31.81 25.29
C ILE A 513 27.08 31.58 25.77
N THR A 514 26.21 32.55 25.46
CA THR A 514 24.78 32.44 25.73
C THR A 514 24.03 32.56 24.42
N ILE A 515 22.95 31.78 24.28
CA ILE A 515 22.13 31.76 23.07
C ILE A 515 20.74 32.26 23.43
N ALA A 516 20.23 33.20 22.64
CA ALA A 516 18.89 33.73 22.82
C ALA A 516 18.18 33.76 21.47
N ASN A 517 16.83 33.77 21.54
CA ASN A 517 15.99 33.77 20.35
C ASN A 517 16.30 32.59 19.44
N SER A 518 16.36 31.41 20.03
CA SER A 518 16.61 30.18 19.29
C SER A 518 15.28 29.55 18.88
N VAL A 519 15.38 28.43 18.15
CA VAL A 519 14.19 27.69 17.74
C VAL A 519 14.61 26.23 17.51
N GLY A 520 13.74 25.31 17.90
CA GLY A 520 14.03 23.90 17.77
C GLY A 520 14.92 23.32 18.85
N LYS A 521 15.26 24.12 19.86
CA LYS A 521 16.13 23.68 20.95
C LYS A 521 15.31 23.45 22.21
N LEU A 522 15.60 22.36 22.91
CA LEU A 522 14.93 22.03 24.15
C LEU A 522 15.96 21.64 25.21
N SER A 523 15.74 22.10 26.44
CA SER A 523 16.60 21.69 27.53
C SER A 523 16.30 20.25 27.94
N THR A 524 17.23 19.66 28.69
CA THR A 524 17.05 18.27 29.10
C THR A 524 15.81 18.08 29.97
N ASP A 525 15.49 19.08 30.79
CA ASP A 525 14.31 19.00 31.65
C ASP A 525 13.03 18.89 30.82
N GLU A 526 12.89 19.73 29.81
CA GLU A 526 11.70 19.71 28.96
C GLU A 526 11.58 18.39 28.22
N ILE A 527 12.71 17.85 27.75
CA ILE A 527 12.69 16.58 27.03
C ILE A 527 12.27 15.45 27.94
N GLU A 528 12.85 15.40 29.15
CA GLU A 528 12.46 14.37 30.11
C GLU A 528 10.98 14.47 30.47
N LYS A 529 10.48 15.69 30.65
CA LYS A 529 9.06 15.87 30.95
C LYS A 529 8.19 15.42 29.79
N MET A 530 8.63 15.67 28.56
CA MET A 530 7.88 15.21 27.39
C MET A 530 7.86 13.68 27.32
N ILE A 531 8.97 13.04 27.68
CA ILE A 531 9.00 11.58 27.75
C ILE A 531 8.01 11.08 28.79
N SER A 532 8.02 11.70 29.97
CA SER A 532 7.07 11.32 31.02
C SER A 532 5.63 11.47 30.53
N ASP A 533 5.32 12.57 29.85
CA ASP A 533 3.97 12.76 29.33
C ASP A 533 3.61 11.69 28.31
N ALA A 534 4.57 11.30 27.47
CA ALA A 534 4.32 10.21 26.53
C ALA A 534 3.98 8.92 27.28
N GLU A 535 4.73 8.61 28.34
CA GLU A 535 4.43 7.43 29.14
C GLU A 535 3.03 7.51 29.74
N LYS A 536 2.64 8.70 30.23
CA LYS A 536 1.30 8.86 30.79
C LYS A 536 0.23 8.64 29.71
N PHE A 537 0.50 9.09 28.49
CA PHE A 537 -0.49 8.96 27.43
C PHE A 537 -0.67 7.51 27.01
N LYS A 538 0.44 6.79 26.81
CA LYS A 538 0.34 5.38 26.45
C LYS A 538 -0.30 4.58 27.59
N SER A 539 0.06 4.90 28.83
CA SER A 539 -0.57 4.24 29.98
C SER A 539 -2.07 4.47 30.01
N LYS A 540 -2.50 5.71 29.74
CA LYS A 540 -3.93 6.01 29.74
C LYS A 540 -4.65 5.30 28.61
N CYS A 541 -4.00 5.17 27.45
CA CYS A 541 -4.64 4.50 26.33
C CYS A 541 -4.81 3.01 26.60
N GLU A 542 -3.74 2.36 27.08
CA GLU A 542 -3.86 0.95 27.46
C GLU A 542 -4.90 0.75 28.55
N ALA A 543 -4.94 1.66 29.52
CA ALA A 543 -5.96 1.60 30.55
C ALA A 543 -7.36 1.64 29.95
N PHE A 544 -7.61 2.61 29.06
CA PHE A 544 -8.90 2.71 28.40
C PHE A 544 -9.26 1.43 27.66
N SER A 545 -8.28 0.81 27.00
CA SER A 545 -8.54 -0.47 26.34
C SER A 545 -8.95 -1.52 27.36
N LYS A 546 -8.29 -1.57 28.52
CA LYS A 546 -8.64 -2.56 29.53
C LYS A 546 -10.05 -2.35 30.06
N ARG A 547 -10.40 -1.10 30.42
CA ARG A 547 -11.74 -0.84 30.93
C ARG A 547 -12.80 -1.16 29.89
N PHE A 548 -12.50 -0.83 28.62
CA PHE A 548 -13.49 -1.07 27.56
C PHE A 548 -13.72 -2.56 27.35
N GLU A 549 -12.64 -3.33 27.21
CA GLU A 549 -12.79 -4.75 26.92
C GLU A 549 -13.39 -5.50 28.12
N ALA A 550 -12.94 -5.18 29.33
CA ALA A 550 -13.54 -5.79 30.52
C ALA A 550 -15.01 -5.43 30.62
N LYS A 551 -15.36 -4.18 30.30
CA LYS A 551 -16.76 -3.76 30.31
C LYS A 551 -17.59 -4.60 29.33
N GLN A 552 -17.08 -4.76 28.10
CA GLN A 552 -17.83 -5.53 27.09
C GLN A 552 -17.99 -6.99 27.51
N GLN A 553 -16.92 -7.60 28.02
CA GLN A 553 -17.00 -8.98 28.48
C GLN A 553 -18.02 -9.13 29.59
N LEU A 554 -18.05 -8.17 30.52
CA LEU A 554 -19.06 -8.21 31.59
C LEU A 554 -20.46 -8.07 31.02
N GLU A 555 -20.65 -7.23 30.01
CA GLU A 555 -21.94 -7.12 29.34
C GLU A 555 -22.37 -8.47 28.79
N SER A 556 -21.51 -9.10 27.98
CA SER A 556 -21.84 -10.40 27.40
C SER A 556 -22.19 -11.41 28.48
N TYR A 557 -21.47 -11.38 29.61
CA TYR A 557 -21.77 -12.31 30.68
C TYR A 557 -23.16 -12.06 31.26
N ILE A 558 -23.49 -10.79 31.52
CA ILE A 558 -24.80 -10.45 32.05
C ILE A 558 -25.90 -10.95 31.11
N SER A 559 -25.74 -10.72 29.81
CA SER A 559 -26.73 -11.22 28.85
C SER A 559 -26.85 -12.74 28.92
N ARG A 560 -25.70 -13.43 28.97
CA ARG A 560 -25.71 -14.89 29.02
C ARG A 560 -26.48 -15.40 30.24
N VAL A 561 -26.18 -14.88 31.43
CA VAL A 561 -26.87 -15.37 32.62
C VAL A 561 -28.30 -14.84 32.71
N GLU A 562 -28.67 -13.85 31.90
CA GLU A 562 -30.08 -13.52 31.75
C GLU A 562 -30.80 -14.60 30.97
N GLU A 563 -30.22 -15.02 29.84
CA GLU A 563 -30.79 -16.14 29.09
C GLU A 563 -30.85 -17.40 29.95
N ILE A 564 -29.84 -17.60 30.80
CA ILE A 564 -29.78 -18.82 31.60
C ILE A 564 -30.77 -18.75 32.76
N ILE A 565 -30.81 -17.63 33.48
CA ILE A 565 -31.73 -17.50 34.60
C ILE A 565 -33.18 -17.45 34.13
N SER A 566 -33.42 -17.09 32.88
CA SER A 566 -34.78 -17.07 32.33
C SER A 566 -35.01 -18.33 31.49
N ASP A 567 -35.00 -19.47 32.20
CA ASP A 567 -35.20 -20.76 31.55
C ASP A 567 -35.66 -21.80 32.57
N LYS A 579 -32.08 -17.61 43.73
CA LYS A 579 -32.25 -16.81 42.53
C LYS A 579 -32.24 -15.32 42.88
N ASP A 580 -32.67 -15.00 44.10
CA ASP A 580 -32.72 -13.60 44.52
C ASP A 580 -31.31 -13.01 44.62
N LYS A 581 -30.33 -13.81 45.03
CA LYS A 581 -28.95 -13.32 45.09
C LYS A 581 -28.35 -13.17 43.70
N ILE A 582 -28.77 -14.01 42.76
CA ILE A 582 -28.27 -13.88 41.38
C ILE A 582 -28.88 -12.66 40.71
N GLU A 583 -30.19 -12.43 40.93
CA GLU A 583 -30.81 -11.21 40.44
C GLU A 583 -30.18 -9.97 41.05
N GLN A 584 -29.94 -10.00 42.37
CA GLN A 584 -29.34 -8.86 43.06
C GLN A 584 -27.94 -8.58 42.52
N ALA A 585 -27.11 -9.62 42.41
CA ALA A 585 -25.77 -9.44 41.85
C ALA A 585 -25.83 -8.98 40.41
N LEU A 586 -26.85 -9.40 39.65
CA LEU A 586 -27.02 -8.91 38.30
C LEU A 586 -27.29 -7.40 38.29
N SER A 587 -28.20 -6.95 39.15
CA SER A 587 -28.49 -5.52 39.23
C SER A 587 -27.26 -4.73 39.66
N GLU A 588 -26.49 -5.27 40.60
CA GLU A 588 -25.26 -4.61 41.01
C GLU A 588 -24.27 -4.52 39.85
N ALA A 589 -24.18 -5.57 39.04
CA ALA A 589 -23.26 -5.56 37.91
C ALA A 589 -23.70 -4.55 36.86
N MET A 590 -25.00 -4.44 36.61
CA MET A 590 -25.49 -3.44 35.67
C MET A 590 -25.23 -2.03 36.18
N ALA A 591 -25.48 -1.78 37.48
CA ALA A 591 -25.24 -0.47 38.05
C ALA A 591 -23.76 -0.10 37.97
N GLN A 592 -22.88 -1.06 38.29
CA GLN A 592 -21.44 -0.85 38.10
C GLN A 592 -21.13 -0.58 36.63
N LEU A 593 -21.89 -1.19 35.72
CA LEU A 593 -21.67 -0.99 34.30
C LEU A 593 -22.13 0.38 33.81
N GLU A 594 -23.03 1.02 34.56
CA GLU A 594 -23.48 2.36 34.18
C GLU A 594 -22.48 3.45 34.55
N ILE A 595 -21.56 3.17 35.46
CA ILE A 595 -20.56 4.16 35.88
C ILE A 595 -19.40 4.14 34.90
N GLU A 596 -18.98 5.33 34.45
CA GLU A 596 -17.87 5.43 33.51
C GLU A 596 -16.51 5.39 34.18
N ASP A 597 -16.43 5.72 35.47
CA ASP A 597 -15.18 5.70 36.21
C ASP A 597 -14.85 4.31 36.76
N SER A 598 -15.47 3.26 36.23
CA SER A 598 -15.22 1.91 36.71
C SER A 598 -13.88 1.41 36.19
N THR A 599 -13.06 0.89 37.10
CA THR A 599 -11.77 0.32 36.74
C THR A 599 -11.94 -1.07 36.16
N ALA A 600 -10.92 -1.53 35.44
CA ALA A 600 -10.96 -2.89 34.90
C ALA A 600 -10.88 -3.91 36.02
N ASP A 601 -10.13 -3.62 37.07
CA ASP A 601 -10.07 -4.53 38.22
C ASP A 601 -11.41 -4.59 38.95
N GLU A 602 -12.11 -3.45 39.02
CA GLU A 602 -13.41 -3.45 39.70
C GLU A 602 -14.47 -4.16 38.86
N LEU A 603 -14.50 -3.89 37.55
CA LEU A 603 -15.41 -4.58 36.66
C LEU A 603 -15.16 -6.10 36.69
N LYS A 604 -13.90 -6.50 36.58
CA LYS A 604 -13.57 -7.92 36.64
C LYS A 604 -13.94 -8.52 37.99
N LYS A 605 -13.77 -7.75 39.07
CA LYS A 605 -14.16 -8.25 40.38
C LYS A 605 -15.67 -8.48 40.45
N LYS A 606 -16.45 -7.59 39.83
CA LYS A 606 -17.90 -7.80 39.82
C LYS A 606 -18.27 -9.00 38.97
N GLU A 607 -17.64 -9.15 37.80
CA GLU A 607 -17.90 -10.31 36.96
C GLU A 607 -17.58 -11.61 37.69
N LEU A 608 -16.50 -11.61 38.47
CA LEU A 608 -16.16 -12.79 39.26
C LEU A 608 -17.18 -13.01 40.38
N ALA A 609 -17.68 -11.93 40.99
CA ALA A 609 -18.71 -12.05 42.02
C ALA A 609 -19.96 -12.70 41.46
N LEU A 610 -20.38 -12.31 40.25
CA LEU A 610 -21.47 -13.02 39.58
C LEU A 610 -21.10 -14.47 39.31
N LYS A 611 -19.87 -14.69 38.81
CA LYS A 611 -19.47 -16.02 38.35
C LYS A 611 -19.50 -17.03 39.49
N ARG A 612 -19.14 -16.61 40.71
CA ARG A 612 -19.22 -17.52 41.84
C ARG A 612 -20.66 -18.00 42.04
N LEU A 613 -21.61 -17.07 41.99
CA LEU A 613 -23.00 -17.42 42.26
C LEU A 613 -23.58 -18.31 41.17
N VAL A 614 -23.41 -17.91 39.90
CA VAL A 614 -24.03 -18.68 38.83
C VAL A 614 -23.34 -20.03 38.64
N THR A 615 -22.01 -20.06 38.80
CA THR A 615 -21.32 -21.35 38.70
C THR A 615 -21.68 -22.26 39.86
N LYS A 616 -21.91 -21.68 41.05
CA LYS A 616 -22.39 -22.48 42.17
C LYS A 616 -23.78 -23.03 41.87
N ALA A 617 -24.66 -22.22 41.29
CA ALA A 617 -25.98 -22.71 40.89
C ALA A 617 -25.88 -23.68 39.73
N MET A 618 -24.86 -23.53 38.88
CA MET A 618 -24.68 -24.47 37.77
C MET A 618 -24.26 -25.85 38.25
N ALA A 619 -23.55 -25.92 39.38
CA ALA A 619 -23.13 -27.20 39.94
C ALA A 619 -24.21 -27.88 40.74
N SER A 620 -25.38 -27.26 40.90
CA SER A 620 -26.47 -27.86 41.66
C SER A 620 -27.40 -28.65 40.75
N GLU B 11 14.86 -9.44 -25.52
CA GLU B 11 13.69 -8.61 -25.24
C GLU B 11 12.52 -9.44 -24.74
N VAL B 12 12.69 -10.77 -24.77
CA VAL B 12 11.68 -11.71 -24.29
C VAL B 12 12.22 -12.36 -23.03
N TYR B 13 11.46 -12.25 -21.94
CA TYR B 13 11.86 -12.85 -20.68
C TYR B 13 11.72 -14.37 -20.76
N ASP B 14 12.85 -15.07 -20.66
CA ASP B 14 12.86 -16.52 -20.77
C ASP B 14 12.36 -17.23 -19.52
N GLY B 15 12.22 -16.52 -18.41
CA GLY B 15 11.69 -17.08 -17.19
C GLY B 15 10.18 -17.05 -17.15
N ALA B 16 9.63 -17.23 -15.94
CA ALA B 16 8.20 -17.24 -15.73
C ALA B 16 7.86 -16.49 -14.45
N ILE B 17 6.70 -15.84 -14.45
CA ILE B 17 6.27 -15.04 -13.32
C ILE B 17 5.14 -15.77 -12.59
N GLY B 18 4.97 -15.42 -11.32
CA GLY B 18 3.91 -15.98 -10.50
C GLY B 18 2.82 -14.94 -10.26
N ILE B 19 1.59 -15.31 -10.57
CA ILE B 19 0.45 -14.41 -10.50
C ILE B 19 -0.59 -15.01 -9.57
N ASP B 20 -0.70 -14.45 -8.37
CA ASP B 20 -1.78 -14.76 -7.45
C ASP B 20 -3.00 -13.94 -7.87
N LEU B 21 -3.98 -14.60 -8.48
CA LEU B 21 -5.22 -13.97 -8.94
C LEU B 21 -6.27 -14.15 -7.85
N GLY B 22 -6.42 -13.14 -7.01
CA GLY B 22 -7.33 -13.20 -5.88
C GLY B 22 -8.71 -12.61 -6.19
N THR B 23 -9.63 -12.85 -5.26
CA THR B 23 -10.97 -12.30 -5.39
C THR B 23 -10.94 -10.78 -5.25
N THR B 24 -10.25 -10.27 -4.24
CA THR B 24 -10.18 -8.84 -3.97
C THR B 24 -8.90 -8.21 -4.52
N TYR B 25 -7.75 -8.81 -4.24
CA TYR B 25 -6.46 -8.27 -4.67
C TYR B 25 -5.68 -9.33 -5.43
N SER B 26 -4.93 -8.88 -6.44
CA SER B 26 -4.00 -9.73 -7.18
C SER B 26 -2.57 -9.29 -6.88
N CYS B 27 -1.64 -10.23 -7.03
CA CYS B 27 -0.26 -10.01 -6.62
C CYS B 27 0.68 -10.76 -7.53
N VAL B 28 1.63 -10.06 -8.14
CA VAL B 28 2.59 -10.66 -9.06
C VAL B 28 3.97 -10.65 -8.41
N ALA B 29 4.75 -11.71 -8.65
CA ALA B 29 6.09 -11.84 -8.10
C ALA B 29 6.95 -12.63 -9.09
N VAL B 30 8.26 -12.54 -8.90
CA VAL B 30 9.20 -13.23 -9.78
C VAL B 30 10.33 -13.83 -8.95
N TYR B 31 10.90 -14.92 -9.50
CA TYR B 31 11.92 -15.72 -8.84
C TYR B 31 13.01 -16.03 -9.86
N GLU B 32 14.27 -15.79 -9.49
CA GLU B 32 15.41 -16.02 -10.37
C GLU B 32 16.42 -16.98 -9.76
N GLY B 33 15.97 -17.86 -8.88
CA GLY B 33 16.82 -18.89 -8.30
C GLY B 33 17.49 -18.51 -6.99
N THR B 34 17.76 -17.22 -6.78
CA THR B 34 18.43 -16.74 -5.58
C THR B 34 17.52 -16.00 -4.62
N ASN B 35 16.61 -15.17 -5.13
CA ASN B 35 15.70 -14.42 -4.28
C ASN B 35 14.36 -14.26 -5.00
N VAL B 36 13.29 -14.26 -4.21
CA VAL B 36 11.93 -14.04 -4.71
C VAL B 36 11.56 -12.59 -4.38
N GLU B 37 11.09 -11.86 -5.38
CA GLU B 37 10.69 -10.47 -5.17
C GLU B 37 9.25 -10.26 -5.59
N ILE B 38 8.48 -9.63 -4.70
CA ILE B 38 7.13 -9.17 -5.01
C ILE B 38 7.23 -7.85 -5.77
N ILE B 39 6.50 -7.75 -6.86
CA ILE B 39 6.60 -6.60 -7.76
C ILE B 39 5.52 -5.59 -7.38
N ALA B 40 5.91 -4.32 -7.31
CA ALA B 40 4.98 -3.24 -7.00
C ALA B 40 4.44 -2.64 -8.29
N ASN B 41 3.20 -2.16 -8.23
CA ASN B 41 2.53 -1.59 -9.39
C ASN B 41 2.95 -0.14 -9.57
N GLU B 42 2.29 0.56 -10.50
CA GLU B 42 2.61 1.97 -10.76
C GLU B 42 2.26 2.88 -9.60
N GLN B 43 1.55 2.38 -8.59
CA GLN B 43 1.21 3.16 -7.40
C GLN B 43 2.09 2.83 -6.21
N GLY B 44 3.06 1.93 -6.37
CA GLY B 44 3.90 1.52 -5.26
C GLY B 44 3.29 0.45 -4.38
N ASN B 45 2.12 -0.08 -4.74
CA ASN B 45 1.44 -1.09 -3.95
C ASN B 45 1.79 -2.48 -4.49
N PHE B 46 2.13 -3.38 -3.59
CA PHE B 46 2.47 -4.75 -3.98
C PHE B 46 1.25 -5.62 -4.24
N THR B 47 0.04 -5.12 -3.94
CA THR B 47 -1.19 -5.80 -4.26
C THR B 47 -2.06 -4.87 -5.10
N THR B 48 -2.62 -5.40 -6.18
CA THR B 48 -3.47 -4.62 -7.07
C THR B 48 -4.90 -5.12 -6.98
N PRO B 49 -5.87 -4.24 -6.72
CA PRO B 49 -7.26 -4.69 -6.62
C PRO B 49 -7.77 -5.26 -7.93
N SER B 50 -8.69 -6.22 -7.82
CA SER B 50 -9.20 -6.95 -8.98
C SER B 50 -10.48 -6.28 -9.50
N PHE B 51 -10.33 -5.03 -9.90
CA PHE B 51 -11.42 -4.23 -10.46
C PHE B 51 -11.13 -3.90 -11.92
N VAL B 52 -12.18 -3.92 -12.73
CA VAL B 52 -12.08 -3.57 -14.15
C VAL B 52 -13.28 -2.70 -14.50
N SER B 53 -13.05 -1.43 -14.75
CA SER B 53 -14.09 -0.51 -15.16
C SER B 53 -13.93 -0.14 -16.63
N PHE B 54 -15.03 0.28 -17.24
CA PHE B 54 -15.09 0.59 -18.66
C PHE B 54 -15.48 2.05 -18.85
N THR B 55 -14.70 2.77 -19.65
CA THR B 55 -14.95 4.16 -19.98
C THR B 55 -15.35 4.27 -21.45
N GLU B 56 -15.39 5.50 -21.95
CA GLU B 56 -15.77 5.72 -23.34
C GLU B 56 -14.71 5.24 -24.31
N ASN B 57 -13.43 5.29 -23.91
CA ASN B 57 -12.33 5.04 -24.82
C ASN B 57 -11.30 4.04 -24.31
N CYS B 58 -11.33 3.66 -23.03
CA CYS B 58 -10.30 2.78 -22.48
C CYS B 58 -10.95 1.88 -21.45
N ARG B 59 -10.14 1.00 -20.87
CA ARG B 59 -10.53 0.18 -19.73
C ARG B 59 -9.55 0.44 -18.59
N LEU B 60 -10.10 0.70 -17.40
CA LEU B 60 -9.29 0.94 -16.21
C LEU B 60 -9.21 -0.33 -15.38
N ILE B 61 -8.00 -0.65 -14.90
CA ILE B 61 -7.74 -1.86 -14.13
C ILE B 61 -6.89 -1.48 -12.92
N GLY B 62 -7.31 -1.93 -11.74
CA GLY B 62 -6.55 -1.68 -10.53
C GLY B 62 -7.14 -0.59 -9.65
N GLU B 63 -6.28 0.23 -9.05
CA GLU B 63 -6.76 1.32 -8.22
C GLU B 63 -7.60 2.31 -9.02
N ALA B 64 -7.27 2.50 -10.30
CA ALA B 64 -8.03 3.42 -11.13
C ALA B 64 -9.48 2.96 -11.28
N ALA B 65 -9.69 1.65 -11.45
CA ALA B 65 -11.05 1.14 -11.59
C ALA B 65 -11.81 1.19 -10.27
N LYS B 66 -11.12 0.92 -9.16
CA LYS B 66 -11.79 0.95 -7.87
C LYS B 66 -12.12 2.37 -7.42
N ASN B 67 -11.34 3.35 -7.87
CA ASN B 67 -11.65 4.74 -7.55
C ASN B 67 -12.93 5.19 -8.24
N GLN B 68 -13.11 4.81 -9.51
CA GLN B 68 -14.31 5.12 -10.26
C GLN B 68 -15.44 4.11 -10.03
N ALA B 69 -15.39 3.35 -8.93
CA ALA B 69 -16.45 2.39 -8.65
C ALA B 69 -17.74 3.08 -8.27
N ALA B 70 -17.68 3.98 -7.28
CA ALA B 70 -18.88 4.72 -6.88
C ALA B 70 -19.33 5.69 -7.96
N MET B 71 -18.40 6.19 -8.78
CA MET B 71 -18.77 7.14 -9.83
C MET B 71 -19.50 6.43 -10.96
N ASN B 72 -19.13 5.20 -11.27
CA ASN B 72 -19.73 4.43 -12.37
C ASN B 72 -19.90 2.98 -11.91
N PRO B 73 -20.90 2.72 -11.06
CA PRO B 73 -21.05 1.36 -10.54
C PRO B 73 -21.56 0.37 -11.58
N ALA B 74 -22.27 0.83 -12.60
CA ALA B 74 -22.82 -0.08 -13.61
C ALA B 74 -21.76 -0.64 -14.54
N ASN B 75 -20.62 0.05 -14.69
CA ASN B 75 -19.55 -0.38 -15.58
C ASN B 75 -18.27 -0.75 -14.84
N THR B 76 -18.32 -0.87 -13.51
CA THR B 76 -17.19 -1.30 -12.71
C THR B 76 -17.42 -2.75 -12.30
N ILE B 77 -16.60 -3.65 -12.81
CA ILE B 77 -16.77 -5.09 -12.60
C ILE B 77 -15.82 -5.55 -11.51
N PHE B 78 -16.29 -6.46 -10.67
CA PHE B 78 -15.51 -7.02 -9.59
C PHE B 78 -16.11 -8.38 -9.21
N ASP B 79 -15.45 -9.08 -8.29
CA ASP B 79 -15.89 -10.38 -7.81
C ASP B 79 -16.05 -11.39 -8.94
N VAL B 80 -15.26 -11.23 -10.00
CA VAL B 80 -15.31 -12.16 -11.13
C VAL B 80 -14.90 -13.56 -10.70
N LYS B 81 -14.06 -13.66 -9.67
CA LYS B 81 -13.62 -14.96 -9.18
C LYS B 81 -14.77 -15.77 -8.61
N ARG B 82 -15.75 -15.11 -7.98
CA ARG B 82 -16.94 -15.78 -7.49
C ARG B 82 -17.94 -16.11 -8.58
N LEU B 83 -17.71 -15.63 -9.81
CA LEU B 83 -18.63 -15.86 -10.92
C LEU B 83 -18.03 -16.69 -12.03
N ILE B 84 -16.71 -16.83 -12.08
CA ILE B 84 -16.05 -17.54 -13.17
C ILE B 84 -16.23 -19.04 -13.00
N GLY B 85 -16.53 -19.71 -14.12
CA GLY B 85 -16.68 -21.16 -14.13
C GLY B 85 -18.04 -21.67 -13.66
N ARG B 86 -18.98 -20.79 -13.34
CA ARG B 86 -20.27 -21.19 -12.83
C ARG B 86 -21.36 -21.00 -13.90
N ARG B 87 -22.49 -21.66 -13.67
CA ARG B 87 -23.64 -21.54 -14.55
C ARG B 87 -24.55 -20.40 -14.07
N PHE B 88 -25.35 -19.88 -15.01
CA PHE B 88 -26.13 -18.69 -14.71
C PHE B 88 -27.20 -18.93 -13.65
N ASP B 89 -27.76 -20.13 -13.60
CA ASP B 89 -28.86 -20.42 -12.68
C ASP B 89 -28.41 -21.19 -11.44
N ASP B 90 -27.12 -21.16 -11.12
CA ASP B 90 -26.68 -21.65 -9.84
C ASP B 90 -27.13 -20.69 -8.73
N PRO B 91 -27.42 -21.20 -7.53
CA PRO B 91 -27.96 -20.31 -6.48
C PRO B 91 -27.01 -19.21 -6.08
N THR B 92 -25.70 -19.50 -6.00
CA THR B 92 -24.74 -18.50 -5.57
C THR B 92 -24.68 -17.33 -6.54
N VAL B 93 -24.80 -17.59 -7.84
CA VAL B 93 -24.73 -16.51 -8.82
C VAL B 93 -26.07 -15.79 -8.96
N LYS B 94 -27.19 -16.45 -8.63
CA LYS B 94 -28.45 -15.73 -8.53
C LYS B 94 -28.44 -14.75 -7.36
N LYS B 95 -27.94 -15.20 -6.21
CA LYS B 95 -27.86 -14.32 -5.04
C LYS B 95 -26.86 -13.19 -5.28
N ASP B 96 -25.66 -13.53 -5.75
CA ASP B 96 -24.67 -12.52 -6.09
C ASP B 96 -25.21 -11.54 -7.10
N MET B 97 -25.92 -12.04 -8.11
CA MET B 97 -26.50 -11.16 -9.13
C MET B 97 -27.55 -10.24 -8.52
N GLU B 98 -28.29 -10.73 -7.52
CA GLU B 98 -29.19 -9.84 -6.79
C GLU B 98 -28.41 -8.80 -6.00
N SER B 99 -27.18 -9.11 -5.59
CA SER B 99 -26.40 -8.17 -4.81
C SER B 99 -25.54 -7.25 -5.66
N TRP B 100 -25.13 -7.68 -6.86
CA TRP B 100 -24.19 -6.90 -7.66
C TRP B 100 -24.90 -5.74 -8.36
N PRO B 101 -24.24 -4.58 -8.48
CA PRO B 101 -24.88 -3.43 -9.13
C PRO B 101 -24.84 -3.52 -10.65
N PHE B 102 -23.76 -4.08 -11.20
CA PHE B 102 -23.68 -4.27 -12.64
C PHE B 102 -24.62 -5.39 -13.08
N LYS B 103 -24.92 -5.41 -14.38
CA LYS B 103 -25.93 -6.30 -14.93
C LYS B 103 -25.27 -7.51 -15.59
N VAL B 104 -25.74 -8.70 -15.23
CA VAL B 104 -25.26 -9.96 -15.77
C VAL B 104 -26.37 -10.59 -16.59
N VAL B 105 -26.04 -11.07 -17.78
CA VAL B 105 -27.00 -11.66 -18.70
C VAL B 105 -26.67 -13.13 -18.89
N ASP B 106 -27.65 -13.89 -19.37
CA ASP B 106 -27.53 -15.32 -19.61
C ASP B 106 -27.48 -15.57 -21.11
N ASP B 107 -26.42 -16.23 -21.57
CA ASP B 107 -26.23 -16.53 -22.99
C ASP B 107 -25.94 -18.02 -23.13
N ASN B 108 -26.93 -18.77 -23.62
CA ASN B 108 -26.80 -20.21 -23.86
C ASN B 108 -26.38 -20.96 -22.60
N GLY B 109 -26.74 -20.44 -21.43
CA GLY B 109 -26.41 -21.04 -20.16
C GLY B 109 -25.21 -20.41 -19.46
N ASN B 110 -24.38 -19.67 -20.19
CA ASN B 110 -23.20 -19.06 -19.59
C ASN B 110 -23.48 -17.61 -19.23
N PRO B 111 -23.11 -17.17 -18.02
CA PRO B 111 -23.32 -15.76 -17.66
C PRO B 111 -22.23 -14.88 -18.23
N LYS B 112 -22.64 -13.69 -18.69
CA LYS B 112 -21.71 -12.70 -19.20
C LYS B 112 -22.18 -11.32 -18.76
N VAL B 113 -21.24 -10.49 -18.30
CA VAL B 113 -21.59 -9.15 -17.84
C VAL B 113 -21.88 -8.25 -19.04
N GLU B 114 -22.72 -7.24 -18.82
CA GLU B 114 -23.09 -6.28 -19.85
C GLU B 114 -22.65 -4.90 -19.40
N VAL B 115 -21.80 -4.26 -20.21
CA VAL B 115 -21.24 -2.96 -19.90
C VAL B 115 -21.36 -2.04 -21.10
N GLN B 116 -21.24 -0.74 -20.84
CA GLN B 116 -21.20 0.28 -21.88
C GLN B 116 -19.74 0.61 -22.17
N TYR B 117 -19.26 0.19 -23.34
CA TYR B 117 -17.84 0.29 -23.68
C TYR B 117 -17.71 0.74 -25.13
N LEU B 118 -16.84 1.72 -25.35
CA LEU B 118 -16.58 2.27 -26.69
C LEU B 118 -17.87 2.70 -27.37
N GLY B 119 -18.79 3.25 -26.59
CA GLY B 119 -20.05 3.73 -27.10
C GLY B 119 -21.06 2.67 -27.46
N GLN B 120 -20.73 1.39 -27.30
CA GLN B 120 -21.64 0.30 -27.63
C GLN B 120 -21.79 -0.63 -26.44
N THR B 121 -22.86 -1.42 -26.46
CA THR B 121 -23.06 -2.43 -25.44
C THR B 121 -22.16 -3.63 -25.70
N HIS B 122 -21.49 -4.09 -24.66
CA HIS B 122 -20.59 -5.24 -24.77
C HIS B 122 -20.92 -6.25 -23.68
N THR B 123 -20.85 -7.54 -24.04
CA THR B 123 -21.04 -8.63 -23.10
C THR B 123 -19.74 -9.41 -23.00
N PHE B 124 -19.20 -9.50 -21.79
CA PHE B 124 -17.92 -10.14 -21.55
C PHE B 124 -18.11 -11.37 -20.67
N SER B 125 -17.46 -12.47 -21.06
CA SER B 125 -17.38 -13.64 -20.22
C SER B 125 -16.39 -13.39 -19.07
N PRO B 126 -16.57 -14.06 -17.94
CA PRO B 126 -15.63 -13.86 -16.82
C PRO B 126 -14.18 -14.13 -17.18
N GLN B 127 -13.93 -15.07 -18.10
CA GLN B 127 -12.57 -15.33 -18.54
C GLN B 127 -11.94 -14.11 -19.22
N GLU B 128 -12.75 -13.27 -19.87
CA GLU B 128 -12.19 -12.09 -20.52
C GLU B 128 -11.80 -11.03 -19.49
N ILE B 129 -12.62 -10.82 -18.48
CA ILE B 129 -12.31 -9.82 -17.45
C ILE B 129 -11.12 -10.28 -16.61
N SER B 130 -11.15 -11.52 -16.12
CA SER B 130 -9.99 -12.08 -15.45
C SER B 130 -8.75 -12.01 -16.33
N ALA B 131 -8.92 -12.19 -17.64
CA ALA B 131 -7.81 -12.03 -18.56
C ALA B 131 -7.31 -10.59 -18.60
N MET B 132 -8.20 -9.61 -18.40
CA MET B 132 -7.74 -8.23 -18.32
C MET B 132 -6.91 -8.01 -17.07
N VAL B 133 -7.36 -8.53 -15.92
CA VAL B 133 -6.60 -8.39 -14.68
C VAL B 133 -5.23 -9.06 -14.84
N LEU B 134 -5.21 -10.27 -15.39
CA LEU B 134 -3.95 -10.99 -15.59
C LEU B 134 -3.04 -10.21 -16.53
N THR B 135 -3.61 -9.59 -17.56
CA THR B 135 -2.81 -8.73 -18.43
C THR B 135 -2.19 -7.58 -17.65
N LYS B 136 -2.95 -6.99 -16.72
CA LYS B 136 -2.41 -5.90 -15.92
C LYS B 136 -1.24 -6.36 -15.06
N MET B 137 -1.41 -7.48 -14.35
CA MET B 137 -0.32 -7.99 -13.51
C MET B 137 0.89 -8.34 -14.36
N LYS B 138 0.67 -8.98 -15.51
CA LYS B 138 1.76 -9.28 -16.42
C LYS B 138 2.49 -8.02 -16.86
N GLU B 139 1.75 -6.92 -17.07
CA GLU B 139 2.39 -5.67 -17.48
C GLU B 139 3.16 -5.04 -16.34
N ILE B 140 2.69 -5.19 -15.10
CA ILE B 140 3.49 -4.79 -13.95
C ILE B 140 4.82 -5.53 -13.95
N ALA B 141 4.75 -6.85 -14.17
CA ALA B 141 5.98 -7.64 -14.25
C ALA B 141 6.86 -7.18 -15.40
N GLU B 142 6.26 -6.76 -16.52
CA GLU B 142 7.04 -6.31 -17.66
C GLU B 142 7.72 -4.97 -17.39
N THR B 143 7.05 -4.09 -16.63
CA THR B 143 7.70 -2.86 -16.22
C THR B 143 8.86 -3.14 -15.26
N LYS B 144 8.68 -4.11 -14.36
CA LYS B 144 9.77 -4.46 -13.46
C LYS B 144 10.96 -5.05 -14.22
N LEU B 145 10.69 -5.95 -15.17
CA LEU B 145 11.76 -6.68 -15.85
C LEU B 145 12.30 -5.95 -17.07
N GLY B 146 11.48 -5.13 -17.72
CA GLY B 146 11.89 -4.47 -18.95
C GLY B 146 11.86 -5.36 -20.18
N LYS B 147 11.27 -6.55 -20.09
CA LYS B 147 11.16 -7.47 -21.21
C LYS B 147 9.73 -7.97 -21.32
N LYS B 148 9.44 -8.62 -22.44
CA LYS B 148 8.13 -9.22 -22.64
C LYS B 148 8.02 -10.51 -21.83
N VAL B 149 6.89 -10.67 -21.15
CA VAL B 149 6.61 -11.84 -20.33
C VAL B 149 5.54 -12.67 -21.03
N GLU B 150 5.78 -13.98 -21.14
CA GLU B 150 4.84 -14.87 -21.81
C GLU B 150 4.60 -16.19 -21.09
N LYS B 151 5.41 -16.54 -20.09
CA LYS B 151 5.20 -17.72 -19.27
C LYS B 151 4.78 -17.31 -17.87
N ALA B 152 3.79 -18.01 -17.31
CA ALA B 152 3.28 -17.64 -16.00
C ALA B 152 2.66 -18.84 -15.31
N VAL B 153 2.68 -18.80 -13.97
CA VAL B 153 1.99 -19.76 -13.13
C VAL B 153 0.89 -19.01 -12.39
N ILE B 154 -0.34 -19.47 -12.53
CA ILE B 154 -1.51 -18.80 -11.99
C ILE B 154 -2.09 -19.65 -10.86
N THR B 155 -2.62 -18.99 -9.84
CA THR B 155 -3.11 -19.65 -8.63
C THR B 155 -4.62 -19.77 -8.65
N VAL B 156 -5.11 -20.86 -8.06
CA VAL B 156 -6.54 -21.05 -7.82
C VAL B 156 -6.73 -21.60 -6.42
N PRO B 157 -7.90 -21.35 -5.83
CA PRO B 157 -8.22 -21.96 -4.54
C PRO B 157 -8.22 -23.49 -4.66
N ALA B 158 -7.80 -24.14 -3.57
CA ALA B 158 -7.68 -25.60 -3.59
C ALA B 158 -9.02 -26.27 -3.83
N TYR B 159 -10.12 -25.61 -3.49
CA TYR B 159 -11.45 -26.17 -3.63
C TYR B 159 -12.12 -25.80 -4.95
N PHE B 160 -11.38 -25.23 -5.89
CA PHE B 160 -11.93 -24.94 -7.21
C PHE B 160 -12.27 -26.24 -7.92
N ASN B 161 -13.46 -26.27 -8.55
CA ASN B 161 -13.86 -27.44 -9.31
C ASN B 161 -13.28 -27.37 -10.72
N ASP B 162 -13.57 -28.40 -11.52
CA ASP B 162 -12.95 -28.53 -12.83
C ASP B 162 -13.29 -27.36 -13.74
N ASN B 163 -14.56 -26.94 -13.75
CA ASN B 163 -14.98 -25.83 -14.60
C ASN B 163 -14.25 -24.55 -14.23
N GLN B 164 -14.08 -24.30 -12.93
CA GLN B 164 -13.44 -23.06 -12.50
C GLN B 164 -11.95 -23.06 -12.84
N ARG B 165 -11.27 -24.20 -12.68
CA ARG B 165 -9.86 -24.27 -13.02
C ARG B 165 -9.64 -24.12 -14.52
N GLN B 166 -10.47 -24.81 -15.32
CA GLN B 166 -10.34 -24.69 -16.77
C GLN B 166 -10.64 -23.27 -17.24
N ALA B 167 -11.65 -22.62 -16.64
CA ALA B 167 -11.96 -21.25 -17.00
C ALA B 167 -10.83 -20.30 -16.63
N THR B 168 -10.23 -20.50 -15.45
CA THR B 168 -9.11 -19.66 -15.04
C THR B 168 -7.92 -19.84 -15.96
N LYS B 169 -7.60 -21.09 -16.32
CA LYS B 169 -6.50 -21.33 -17.24
C LYS B 169 -6.76 -20.70 -18.60
N ASP B 170 -8.00 -20.83 -19.09
CA ASP B 170 -8.35 -20.17 -20.35
C ASP B 170 -8.20 -18.65 -20.24
N ALA B 171 -8.52 -18.09 -19.07
CA ALA B 171 -8.28 -16.67 -18.85
C ALA B 171 -6.80 -16.35 -18.92
N GLY B 172 -5.96 -17.24 -18.40
CA GLY B 172 -4.52 -17.07 -18.55
C GLY B 172 -4.06 -17.15 -19.99
N ALA B 173 -4.75 -17.93 -20.82
CA ALA B 173 -4.41 -17.99 -22.23
C ALA B 173 -4.85 -16.73 -22.96
N ILE B 174 -6.02 -16.19 -22.62
CA ILE B 174 -6.49 -14.97 -23.25
C ILE B 174 -5.58 -13.80 -22.92
N ALA B 175 -4.96 -13.81 -21.74
CA ALA B 175 -4.03 -12.76 -21.32
C ALA B 175 -2.68 -12.85 -22.04
N GLY B 176 -2.55 -13.72 -23.04
CA GLY B 176 -1.29 -13.85 -23.75
C GLY B 176 -0.20 -14.58 -23.00
N LEU B 177 -0.55 -15.31 -21.94
CA LEU B 177 0.43 -16.00 -21.11
C LEU B 177 0.43 -17.50 -21.40
N ASN B 178 1.62 -18.10 -21.35
CA ASN B 178 1.75 -19.55 -21.38
C ASN B 178 1.65 -20.04 -19.94
N VAL B 179 0.48 -20.56 -19.58
CA VAL B 179 0.25 -21.05 -18.23
C VAL B 179 1.00 -22.35 -18.05
N LEU B 180 2.18 -22.28 -17.41
CA LEU B 180 2.97 -23.49 -17.21
C LEU B 180 2.37 -24.40 -16.15
N ARG B 181 1.64 -23.83 -15.19
CA ARG B 181 1.10 -24.62 -14.09
C ARG B 181 -0.01 -23.84 -13.41
N ILE B 182 -1.04 -24.57 -12.96
CA ILE B 182 -2.10 -24.03 -12.13
C ILE B 182 -1.89 -24.59 -10.73
N ILE B 183 -1.41 -23.75 -9.82
CA ILE B 183 -1.02 -24.19 -8.48
C ILE B 183 -2.11 -23.78 -7.49
N ASN B 184 -2.33 -24.62 -6.48
CA ASN B 184 -3.30 -24.30 -5.44
C ASN B 184 -2.70 -23.30 -4.46
N GLU B 185 -3.52 -22.32 -4.07
CA GLU B 185 -3.03 -21.23 -3.23
C GLU B 185 -2.48 -21.70 -1.89
N PRO B 186 -3.14 -22.60 -1.14
CA PRO B 186 -2.53 -23.08 0.10
C PRO B 186 -1.21 -23.80 -0.13
N THR B 187 -1.06 -24.48 -1.27
CA THR B 187 0.21 -25.15 -1.56
C THR B 187 1.30 -24.15 -1.87
N ALA B 188 0.97 -23.08 -2.60
CA ALA B 188 1.94 -22.02 -2.85
C ALA B 188 2.37 -21.35 -1.55
N ALA B 189 1.40 -21.08 -0.66
CA ALA B 189 1.75 -20.56 0.66
C ALA B 189 2.63 -21.55 1.41
N ALA B 190 2.40 -22.85 1.22
CA ALA B 190 3.28 -23.86 1.81
C ALA B 190 4.68 -23.77 1.25
N ILE B 191 4.81 -23.43 -0.03
CA ILE B 191 6.14 -23.19 -0.61
C ILE B 191 6.79 -21.99 0.06
N ALA B 192 6.02 -20.92 0.27
CA ALA B 192 6.58 -19.72 0.90
C ALA B 192 7.04 -19.99 2.31
N TYR B 193 6.27 -20.76 3.08
CA TYR B 193 6.61 -21.00 4.48
C TYR B 193 7.72 -22.02 4.63
N GLY B 194 7.62 -23.15 3.92
CA GLY B 194 8.60 -24.21 4.10
C GLY B 194 9.99 -23.85 3.62
N LEU B 195 10.08 -23.00 2.60
CA LEU B 195 11.38 -22.61 2.06
C LEU B 195 11.96 -21.39 2.75
N GLY B 196 11.11 -20.41 3.05
CA GLY B 196 11.56 -19.14 3.61
C GLY B 196 12.05 -19.24 5.04
N SER B 197 11.14 -19.05 6.00
CA SER B 197 11.52 -19.03 7.41
C SER B 197 12.05 -20.38 7.86
N GLY B 198 11.51 -21.46 7.32
CA GLY B 198 11.91 -22.80 7.69
C GLY B 198 12.86 -23.44 6.70
N LYS B 199 12.95 -24.77 6.81
CA LYS B 199 13.72 -25.70 5.98
C LYS B 199 14.01 -26.93 6.82
N SER B 200 15.24 -27.44 6.76
CA SER B 200 15.68 -28.63 7.49
C SER B 200 14.93 -29.88 7.02
N ASP B 201 15.65 -30.99 6.84
CA ASP B 201 15.05 -32.25 6.41
C ASP B 201 14.29 -32.88 7.59
N LYS B 202 13.31 -32.14 8.09
CA LYS B 202 12.56 -32.52 9.28
C LYS B 202 11.10 -32.69 8.91
N GLU B 203 10.58 -33.91 9.07
CA GLU B 203 9.18 -34.19 8.77
C GLU B 203 8.28 -33.43 9.73
N ARG B 204 7.44 -32.54 9.19
CA ARG B 204 6.55 -31.75 10.03
C ARG B 204 5.19 -31.63 9.36
N ASN B 205 4.16 -31.47 10.18
CA ASN B 205 2.78 -31.34 9.72
C ASN B 205 2.36 -29.87 9.81
N VAL B 206 1.94 -29.32 8.68
CA VAL B 206 1.57 -27.91 8.57
C VAL B 206 0.11 -27.80 8.19
N LEU B 207 -0.65 -27.04 8.97
CA LEU B 207 -2.03 -26.69 8.66
C LEU B 207 -2.05 -25.27 8.11
N ILE B 208 -2.54 -25.10 6.89
CA ILE B 208 -2.59 -23.81 6.22
C ILE B 208 -4.03 -23.31 6.27
N TYR B 209 -4.22 -22.15 6.88
CA TYR B 209 -5.54 -21.54 7.04
C TYR B 209 -5.56 -20.27 6.19
N ASP B 210 -6.16 -20.36 5.00
CA ASP B 210 -6.18 -19.26 4.05
C ASP B 210 -7.60 -18.71 3.95
N LEU B 211 -7.86 -17.61 4.65
CA LEU B 211 -9.14 -16.92 4.58
C LEU B 211 -8.90 -15.57 3.90
N GLY B 212 -9.25 -15.49 2.63
CA GLY B 212 -9.02 -14.30 1.82
C GLY B 212 -10.23 -13.38 1.78
N GLY B 213 -10.46 -12.81 0.61
CA GLY B 213 -11.57 -11.88 0.43
C GLY B 213 -12.85 -12.54 -0.05
N GLY B 214 -12.72 -13.63 -0.79
CA GLY B 214 -13.88 -14.30 -1.33
C GLY B 214 -13.87 -15.81 -1.17
N ALA B 215 -12.68 -16.40 -1.11
CA ALA B 215 -12.53 -17.84 -0.99
C ALA B 215 -11.90 -18.21 0.34
N PHE B 216 -12.20 -19.43 0.80
CA PHE B 216 -11.69 -19.95 2.05
C PHE B 216 -11.11 -21.33 1.80
N ASP B 217 -9.91 -21.58 2.34
CA ASP B 217 -9.23 -22.85 2.16
C ASP B 217 -8.51 -23.23 3.44
N VAL B 218 -8.38 -24.54 3.65
CA VAL B 218 -7.57 -25.07 4.73
C VAL B 218 -6.94 -26.37 4.24
N SER B 219 -5.62 -26.47 4.38
CA SER B 219 -4.91 -27.64 3.89
C SER B 219 -4.08 -28.23 5.02
N LEU B 220 -3.82 -29.53 4.91
CA LEU B 220 -2.89 -30.22 5.80
C LEU B 220 -1.84 -30.89 4.95
N LEU B 221 -0.59 -30.44 5.11
CA LEU B 221 0.54 -30.91 4.32
C LEU B 221 1.59 -31.53 5.23
N ASN B 222 2.28 -32.55 4.70
CA ASN B 222 3.44 -33.16 5.32
C ASN B 222 4.68 -32.68 4.59
N ILE B 223 5.56 -31.97 5.29
CA ILE B 223 6.77 -31.42 4.70
C ILE B 223 7.96 -32.25 5.19
N GLN B 224 8.63 -32.91 4.26
CA GLN B 224 9.87 -33.66 4.51
C GLN B 224 10.92 -33.13 3.54
N GLY B 225 11.78 -32.25 4.03
CA GLY B 225 12.81 -31.66 3.19
C GLY B 225 12.27 -30.81 2.05
N GLY B 226 12.26 -31.36 0.85
CA GLY B 226 11.81 -30.63 -0.32
C GLY B 226 10.50 -31.15 -0.90
N VAL B 227 9.98 -32.23 -0.33
CA VAL B 227 8.73 -32.82 -0.81
C VAL B 227 7.58 -32.22 -0.02
N PHE B 228 6.62 -31.64 -0.73
CA PHE B 228 5.42 -31.06 -0.14
C PHE B 228 4.24 -31.95 -0.50
N THR B 229 3.77 -32.72 0.48
CA THR B 229 2.69 -33.69 0.28
C THR B 229 1.43 -33.19 0.95
N VAL B 230 0.42 -32.84 0.14
CA VAL B 230 -0.87 -32.41 0.66
C VAL B 230 -1.58 -33.63 1.24
N LYS B 231 -1.67 -33.70 2.57
CA LYS B 231 -2.37 -34.82 3.18
C LYS B 231 -3.88 -34.70 3.02
N ALA B 232 -4.42 -33.47 3.15
CA ALA B 232 -5.84 -33.27 2.90
C ALA B 232 -6.11 -31.79 2.68
N THR B 233 -7.34 -31.48 2.30
CA THR B 233 -7.75 -30.09 2.10
C THR B 233 -9.27 -29.99 2.08
N ALA B 234 -9.76 -28.86 2.58
CA ALA B 234 -11.19 -28.54 2.56
C ALA B 234 -11.33 -27.04 2.42
N GLY B 235 -12.56 -26.59 2.22
CA GLY B 235 -12.79 -25.15 2.13
C GLY B 235 -14.12 -24.83 1.48
N ASP B 236 -14.25 -23.56 1.09
CA ASP B 236 -15.48 -23.01 0.54
C ASP B 236 -15.10 -21.88 -0.39
N THR B 237 -15.33 -22.06 -1.69
CA THR B 237 -14.90 -21.06 -2.67
C THR B 237 -15.76 -19.80 -2.66
N HIS B 238 -16.75 -19.69 -1.78
CA HIS B 238 -17.64 -18.53 -1.73
C HIS B 238 -17.78 -18.04 -0.30
N LEU B 239 -16.66 -17.92 0.40
CA LEU B 239 -16.64 -17.44 1.78
C LEU B 239 -15.38 -16.60 1.99
N GLY B 240 -15.56 -15.32 2.28
CA GLY B 240 -14.43 -14.44 2.47
C GLY B 240 -14.78 -13.23 3.31
N GLY B 241 -13.92 -12.22 3.23
CA GLY B 241 -14.12 -11.02 4.04
C GLY B 241 -15.27 -10.15 3.57
N GLN B 242 -15.59 -10.20 2.28
CA GLN B 242 -16.71 -9.41 1.76
C GLN B 242 -18.04 -9.86 2.34
N ASP B 243 -18.12 -11.11 2.81
CA ASP B 243 -19.32 -11.56 3.51
C ASP B 243 -19.46 -10.88 4.86
N PHE B 244 -18.33 -10.71 5.57
CA PHE B 244 -18.37 -9.94 6.82
C PHE B 244 -18.74 -8.50 6.54
N ASP B 245 -18.16 -7.91 5.48
CA ASP B 245 -18.58 -6.59 5.04
C ASP B 245 -20.07 -6.55 4.74
N THR B 246 -20.63 -7.66 4.25
CA THR B 246 -22.05 -7.70 3.93
C THR B 246 -22.89 -7.73 5.20
N ASN B 247 -22.45 -8.46 6.23
CA ASN B 247 -23.17 -8.47 7.49
C ASN B 247 -23.18 -7.08 8.13
N LEU B 248 -21.99 -6.48 8.29
CA LEU B 248 -21.93 -5.15 8.89
C LEU B 248 -22.70 -4.14 8.04
N LEU B 249 -22.68 -4.30 6.73
CA LEU B 249 -23.45 -3.43 5.84
C LEU B 249 -24.94 -3.56 6.09
N GLU B 250 -25.43 -4.80 6.22
CA GLU B 250 -26.85 -5.00 6.50
C GLU B 250 -27.26 -4.35 7.82
N TYR B 251 -26.44 -4.54 8.86
CA TYR B 251 -26.74 -3.89 10.14
C TYR B 251 -26.80 -2.37 10.00
N CYS B 252 -25.80 -1.80 9.32
CA CYS B 252 -25.78 -0.35 9.14
C CYS B 252 -26.99 0.13 8.35
N LYS B 253 -27.45 -0.67 7.39
CA LYS B 253 -28.67 -0.32 6.67
C LYS B 253 -29.88 -0.34 7.60
N LYS B 254 -29.96 -1.33 8.49
CA LYS B 254 -31.04 -1.37 9.46
C LYS B 254 -31.03 -0.12 10.34
N GLU B 255 -29.84 0.33 10.74
CA GLU B 255 -29.77 1.53 11.57
C GLU B 255 -30.14 2.78 10.78
N PHE B 256 -29.76 2.84 9.49
CA PHE B 256 -30.13 3.98 8.66
C PHE B 256 -31.64 4.07 8.48
N THR B 257 -32.25 2.99 7.99
CA THR B 257 -33.70 3.00 7.81
C THR B 257 -34.46 3.09 9.13
N ARG B 258 -33.80 2.75 10.24
CA ARG B 258 -34.44 2.90 11.54
C ARG B 258 -34.42 4.35 12.00
N LYS B 259 -33.33 5.06 11.77
CA LYS B 259 -33.17 6.41 12.30
C LYS B 259 -33.59 7.51 11.32
N THR B 260 -33.85 7.18 10.06
CA THR B 260 -34.24 8.18 9.08
C THR B 260 -35.52 7.85 8.32
N LYS B 261 -36.12 6.68 8.54
CA LYS B 261 -37.31 6.21 7.85
C LYS B 261 -37.04 5.92 6.37
N LYS B 262 -35.97 6.51 5.82
CA LYS B 262 -35.61 6.31 4.43
C LYS B 262 -34.84 5.00 4.24
N ASP B 263 -35.03 4.38 3.08
CA ASP B 263 -34.36 3.13 2.73
C ASP B 263 -33.44 3.38 1.55
N LEU B 264 -32.16 3.06 1.72
CA LEU B 264 -31.15 3.32 0.70
C LEU B 264 -30.92 2.16 -0.25
N SER B 265 -31.74 1.11 -0.18
CA SER B 265 -31.47 -0.11 -0.92
C SER B 265 -31.50 0.08 -2.43
N GLY B 266 -32.15 1.14 -2.92
CA GLY B 266 -32.32 1.34 -4.34
C GLY B 266 -31.25 2.14 -5.04
N ASP B 267 -30.21 2.59 -4.32
CA ASP B 267 -29.16 3.42 -4.90
C ASP B 267 -27.84 2.68 -4.79
N ALA B 268 -27.33 2.18 -5.92
CA ALA B 268 -26.07 1.44 -5.90
C ALA B 268 -24.91 2.32 -5.46
N ARG B 269 -24.97 3.62 -5.73
CA ARG B 269 -23.95 4.54 -5.27
C ARG B 269 -23.82 4.51 -3.75
N ALA B 270 -24.94 4.73 -3.07
CA ALA B 270 -24.95 4.71 -1.60
C ALA B 270 -24.48 3.37 -1.06
N LEU B 271 -24.87 2.28 -1.72
CA LEU B 271 -24.41 0.96 -1.29
C LEU B 271 -22.90 0.82 -1.44
N ARG B 272 -22.33 1.40 -2.49
CA ARG B 272 -20.89 1.34 -2.69
C ARG B 272 -20.16 2.12 -1.60
N ARG B 273 -20.60 3.36 -1.34
CA ARG B 273 -19.94 4.17 -0.32
C ARG B 273 -20.07 3.53 1.05
N LEU B 274 -21.26 3.03 1.39
CA LEU B 274 -21.47 2.38 2.68
C LEU B 274 -20.62 1.11 2.80
N ARG B 275 -20.48 0.36 1.70
CA ARG B 275 -19.63 -0.83 1.73
C ARG B 275 -18.17 -0.46 1.97
N THR B 276 -17.70 0.61 1.32
CA THR B 276 -16.34 1.08 1.55
C THR B 276 -16.14 1.46 3.02
N ALA B 277 -17.10 2.21 3.58
CA ALA B 277 -16.99 2.60 4.99
C ALA B 277 -17.00 1.39 5.91
N CYS B 278 -17.80 0.37 5.57
CA CYS B 278 -17.85 -0.83 6.41
C CYS B 278 -16.55 -1.62 6.32
N GLU B 279 -15.93 -1.67 5.14
CA GLU B 279 -14.65 -2.35 5.01
C GLU B 279 -13.56 -1.62 5.80
N ARG B 280 -13.53 -0.29 5.70
CA ARG B 280 -12.57 0.48 6.49
C ARG B 280 -12.79 0.27 7.98
N ALA B 281 -14.05 0.27 8.42
CA ALA B 281 -14.34 0.03 9.83
C ALA B 281 -13.89 -1.36 10.27
N LYS B 282 -14.10 -2.36 9.40
CA LYS B 282 -13.66 -3.72 9.73
C LYS B 282 -12.15 -3.78 9.90
N ARG B 283 -11.41 -3.20 8.95
CA ARG B 283 -9.95 -3.19 9.07
C ARG B 283 -9.50 -2.43 10.30
N THR B 284 -10.25 -1.40 10.71
CA THR B 284 -9.91 -0.67 11.93
C THR B 284 -10.14 -1.51 13.17
N LEU B 285 -11.23 -2.29 13.19
CA LEU B 285 -11.60 -3.07 14.37
C LEU B 285 -10.62 -4.19 14.67
N SER B 286 -9.76 -4.56 13.70
CA SER B 286 -8.75 -5.57 13.98
C SER B 286 -7.66 -5.05 14.91
N SER B 287 -7.48 -3.73 14.99
CA SER B 287 -6.50 -3.10 15.85
C SER B 287 -7.11 -2.51 17.12
N GLY B 288 -8.24 -1.81 16.99
CA GLY B 288 -8.90 -1.20 18.12
C GLY B 288 -10.13 -1.97 18.57
N ALA B 289 -10.81 -1.41 19.58
CA ALA B 289 -12.01 -2.00 20.13
C ALA B 289 -13.29 -1.28 19.72
N GLN B 290 -13.18 -0.16 19.02
CA GLN B 290 -14.36 0.58 18.57
C GLN B 290 -13.94 1.52 17.44
N THR B 291 -14.93 1.91 16.64
CA THR B 291 -14.70 2.85 15.56
C THR B 291 -16.02 3.57 15.26
N THR B 292 -15.96 4.52 14.32
CA THR B 292 -17.11 5.35 13.99
C THR B 292 -17.16 5.58 12.50
N ILE B 293 -18.37 5.55 11.94
CA ILE B 293 -18.61 5.80 10.52
C ILE B 293 -19.43 7.08 10.40
N GLU B 294 -18.92 8.03 9.62
CA GLU B 294 -19.61 9.30 9.37
C GLU B 294 -19.51 9.60 7.88
N ILE B 295 -20.66 9.64 7.21
CA ILE B 295 -20.72 9.90 5.77
C ILE B 295 -21.82 10.92 5.50
N ASP B 296 -21.59 11.75 4.49
CA ASP B 296 -22.53 12.81 4.12
C ASP B 296 -23.47 12.33 3.02
N SER B 297 -24.70 12.83 3.07
CA SER B 297 -25.73 12.57 2.07
C SER B 297 -26.13 11.10 2.01
N LEU B 298 -25.18 10.22 1.72
CA LEU B 298 -25.44 8.78 1.58
C LEU B 298 -26.54 8.55 0.57
N PHE B 299 -27.79 8.62 1.03
CA PHE B 299 -28.97 8.43 0.18
C PHE B 299 -29.98 9.51 0.48
N ASP B 300 -30.48 10.16 -0.57
CA ASP B 300 -31.54 11.17 -0.46
C ASP B 300 -31.13 12.31 0.47
N GLY B 301 -29.84 12.64 0.50
CA GLY B 301 -29.34 13.71 1.35
C GLY B 301 -29.55 13.46 2.82
N GLU B 302 -29.18 12.28 3.29
CA GLU B 302 -29.34 11.89 4.69
C GLU B 302 -27.99 11.44 5.23
N ASP B 303 -27.38 12.25 6.08
CA ASP B 303 -26.09 11.91 6.66
C ASP B 303 -26.21 10.67 7.54
N PHE B 304 -25.06 10.05 7.81
CA PHE B 304 -25.01 8.82 8.57
C PHE B 304 -23.84 8.85 9.54
N ASN B 305 -24.07 8.41 10.77
CA ASN B 305 -23.04 8.43 11.79
C ASN B 305 -23.39 7.36 12.82
N ILE B 306 -22.56 6.34 12.93
CA ILE B 306 -22.80 5.23 13.86
C ILE B 306 -21.47 4.77 14.44
N GLN B 307 -21.54 4.23 15.65
CA GLN B 307 -20.36 3.64 16.29
C GLN B 307 -20.45 2.12 16.20
N ILE B 308 -19.35 1.50 15.77
CA ILE B 308 -19.27 0.05 15.62
C ILE B 308 -18.24 -0.47 16.62
N THR B 309 -18.67 -1.40 17.47
CA THR B 309 -17.79 -2.04 18.44
C THR B 309 -17.28 -3.36 17.89
N ARG B 310 -16.05 -3.71 18.27
CA ARG B 310 -15.49 -5.01 17.89
C ARG B 310 -16.42 -6.15 18.32
N ALA B 311 -17.03 -6.03 19.51
CA ALA B 311 -17.96 -7.05 19.96
C ALA B 311 -19.18 -7.14 19.06
N ARG B 312 -19.67 -6.00 18.57
CA ARG B 312 -20.81 -6.01 17.67
C ARG B 312 -20.45 -6.66 16.33
N PHE B 313 -19.24 -6.39 15.84
CA PHE B 313 -18.79 -7.01 14.59
C PHE B 313 -18.66 -8.52 14.75
N GLU B 314 -18.04 -8.95 15.85
CA GLU B 314 -17.88 -10.39 16.10
C GLU B 314 -19.23 -11.07 16.28
N ASP B 315 -20.17 -10.40 16.94
CA ASP B 315 -21.51 -10.96 17.08
C ASP B 315 -22.23 -11.04 15.74
N LEU B 316 -22.01 -10.05 14.88
CA LEU B 316 -22.64 -10.06 13.57
C LEU B 316 -22.05 -11.14 12.67
N ASN B 317 -20.80 -11.52 12.89
CA ASN B 317 -20.13 -12.51 12.06
C ASN B 317 -19.78 -13.77 12.85
N ALA B 318 -20.52 -14.05 13.92
CA ALA B 318 -20.21 -15.21 14.76
C ALA B 318 -20.47 -16.52 14.02
N LYS B 319 -21.53 -16.57 13.22
CA LYS B 319 -21.87 -17.80 12.51
C LYS B 319 -20.80 -18.18 11.49
N ALA B 320 -20.26 -17.19 10.77
CA ALA B 320 -19.22 -17.48 9.79
C ALA B 320 -17.88 -17.74 10.48
N PHE B 321 -17.51 -16.89 11.44
CA PHE B 321 -16.26 -17.06 12.17
C PHE B 321 -16.19 -18.45 12.79
N ALA B 322 -17.25 -18.87 13.48
CA ALA B 322 -17.29 -20.22 14.04
C ALA B 322 -17.38 -21.27 12.93
N GLY B 323 -18.07 -20.95 11.84
CA GLY B 323 -18.19 -21.89 10.73
C GLY B 323 -16.89 -22.25 10.07
N THR B 324 -15.88 -21.37 10.15
CA THR B 324 -14.58 -21.68 9.57
C THR B 324 -13.91 -22.89 10.24
N LEU B 325 -14.32 -23.24 11.47
CA LEU B 325 -13.71 -24.36 12.16
C LEU B 325 -14.18 -25.71 11.61
N GLU B 326 -15.27 -25.73 10.86
CA GLU B 326 -15.78 -27.01 10.35
C GLU B 326 -14.83 -27.61 9.32
N PRO B 327 -14.33 -26.89 8.32
CA PRO B 327 -13.32 -27.48 7.42
C PRO B 327 -12.01 -27.81 8.11
N VAL B 328 -11.71 -27.20 9.26
CA VAL B 328 -10.50 -27.54 9.99
C VAL B 328 -10.63 -28.94 10.59
N ALA B 329 -11.74 -29.20 11.27
CA ALA B 329 -12.01 -30.56 11.74
C ALA B 329 -12.13 -31.53 10.57
N GLN B 330 -12.64 -31.06 9.43
CA GLN B 330 -12.80 -31.93 8.26
C GLN B 330 -11.43 -32.40 7.75
N VAL B 331 -10.52 -31.46 7.49
CA VAL B 331 -9.19 -31.81 7.02
C VAL B 331 -8.43 -32.58 8.10
N LEU B 332 -8.70 -32.31 9.37
CA LEU B 332 -8.06 -33.06 10.44
C LEU B 332 -8.48 -34.52 10.42
N LYS B 333 -9.77 -34.78 10.20
CA LYS B 333 -10.24 -36.17 10.16
C LYS B 333 -9.80 -36.87 8.89
N ASP B 334 -9.81 -36.15 7.76
CA ASP B 334 -9.55 -36.80 6.47
C ASP B 334 -8.14 -37.39 6.40
N ALA B 335 -7.15 -36.68 6.93
CA ALA B 335 -5.78 -37.19 6.96
C ALA B 335 -5.50 -38.04 8.19
N GLY B 336 -6.44 -38.15 9.11
CA GLY B 336 -6.29 -39.06 10.22
C GLY B 336 -5.23 -38.67 11.23
N ILE B 337 -5.12 -37.37 11.51
CA ILE B 337 -4.19 -36.90 12.52
C ILE B 337 -4.98 -36.09 13.54
N GLU B 338 -4.40 -35.96 14.72
CA GLU B 338 -5.02 -35.23 15.83
C GLU B 338 -4.32 -33.90 16.03
N LYS B 339 -4.95 -33.04 16.84
N LYS B 339 -4.94 -33.05 16.87
CA LYS B 339 -4.46 -31.68 17.05
CA LYS B 339 -4.47 -31.68 17.04
C LYS B 339 -3.09 -31.66 17.72
C LYS B 339 -3.06 -31.62 17.60
N HIS B 340 -2.81 -32.62 18.59
N HIS B 340 -2.75 -32.47 18.58
CA HIS B 340 -1.48 -32.72 19.18
CA HIS B 340 -1.40 -32.48 19.13
C HIS B 340 -0.42 -32.97 18.13
C HIS B 340 -0.37 -32.97 18.12
N GLN B 341 -0.79 -33.60 17.02
CA GLN B 341 0.16 -33.96 15.96
C GLN B 341 0.35 -32.86 14.93
N VAL B 342 -0.51 -31.84 14.93
CA VAL B 342 -0.31 -30.70 14.04
C VAL B 342 0.88 -29.90 14.53
N ASP B 343 1.94 -29.86 13.72
CA ASP B 343 3.16 -29.19 14.16
C ASP B 343 3.02 -27.67 14.08
N GLU B 344 2.55 -27.14 12.95
CA GLU B 344 2.43 -25.70 12.82
C GLU B 344 1.09 -25.34 12.18
N ILE B 345 0.65 -24.11 12.45
CA ILE B 345 -0.59 -23.55 11.91
C ILE B 345 -0.23 -22.20 11.31
N VAL B 346 -0.21 -22.11 9.98
CA VAL B 346 0.17 -20.90 9.29
C VAL B 346 -1.08 -20.17 8.80
N LEU B 347 -1.05 -18.85 8.88
CA LEU B 347 -2.17 -18.00 8.50
C LEU B 347 -1.87 -17.36 7.14
N VAL B 348 -2.84 -17.44 6.22
CA VAL B 348 -2.71 -16.86 4.89
C VAL B 348 -4.02 -16.16 4.57
N GLY B 349 -3.91 -14.95 4.04
CA GLY B 349 -5.09 -14.17 3.70
C GLY B 349 -5.26 -12.99 4.63
N GLY B 350 -5.87 -11.93 4.10
CA GLY B 350 -6.06 -10.72 4.89
C GLY B 350 -6.99 -10.93 6.07
N SER B 351 -8.07 -11.70 5.86
CA SER B 351 -9.07 -11.91 6.91
C SER B 351 -8.48 -12.59 8.13
N THR B 352 -7.32 -13.25 8.00
CA THR B 352 -6.66 -13.85 9.16
C THR B 352 -6.19 -12.81 10.16
N ARG B 353 -6.20 -11.52 9.81
CA ARG B 353 -5.83 -10.48 10.76
C ARG B 353 -6.92 -10.20 11.79
N ILE B 354 -8.09 -10.81 11.64
CA ILE B 354 -9.18 -10.63 12.60
C ILE B 354 -8.83 -11.36 13.89
N PRO B 355 -8.80 -10.69 15.03
CA PRO B 355 -8.43 -11.38 16.28
C PRO B 355 -9.40 -12.48 16.68
N ARG B 356 -10.68 -12.35 16.33
CA ARG B 356 -11.64 -13.40 16.68
C ARG B 356 -11.31 -14.70 15.96
N ILE B 357 -10.88 -14.62 14.70
CA ILE B 357 -10.49 -15.82 13.96
C ILE B 357 -9.32 -16.50 14.64
N GLN B 358 -8.28 -15.72 14.97
CA GLN B 358 -7.09 -16.28 15.58
C GLN B 358 -7.39 -16.86 16.96
N LYS B 359 -8.34 -16.26 17.69
CA LYS B 359 -8.72 -16.80 18.99
C LYS B 359 -9.53 -18.08 18.83
N LEU B 360 -10.34 -18.19 17.78
CA LEU B 360 -11.06 -19.43 17.52
C LEU B 360 -10.10 -20.56 17.17
N LEU B 361 -9.13 -20.28 16.29
CA LEU B 361 -8.16 -21.30 15.92
C LEU B 361 -7.29 -21.69 17.11
N SER B 362 -6.84 -20.71 17.89
CA SER B 362 -5.98 -21.01 19.03
C SER B 362 -6.73 -21.78 20.11
N GLU B 363 -7.98 -21.40 20.37
CA GLU B 363 -8.82 -22.16 21.30
C GLU B 363 -9.04 -23.57 20.80
N PHE B 364 -9.24 -23.73 19.49
CA PHE B 364 -9.54 -25.05 18.94
C PHE B 364 -8.39 -26.02 19.18
N PHE B 365 -7.14 -25.53 19.09
CA PHE B 365 -5.96 -26.35 19.30
C PHE B 365 -5.43 -26.26 20.72
N ASP B 366 -6.29 -25.97 21.69
CA ASP B 366 -5.96 -25.99 23.11
C ASP B 366 -4.87 -24.97 23.45
N GLY B 367 -5.07 -23.74 22.99
CA GLY B 367 -4.16 -22.66 23.29
C GLY B 367 -2.85 -22.66 22.53
N LYS B 368 -2.75 -23.43 21.45
CA LYS B 368 -1.53 -23.46 20.66
C LYS B 368 -1.31 -22.12 19.97
N LYS B 369 -0.06 -21.67 19.94
CA LYS B 369 0.27 -20.40 19.33
C LYS B 369 0.34 -20.55 17.81
N LEU B 370 -0.12 -19.52 17.11
CA LEU B 370 -0.22 -19.54 15.66
C LEU B 370 1.05 -19.01 15.02
N GLU B 371 1.41 -19.60 13.88
CA GLU B 371 2.61 -19.20 13.14
C GLU B 371 2.25 -18.07 12.19
N LYS B 372 2.95 -16.94 12.33
CA LYS B 372 2.66 -15.75 11.54
C LYS B 372 3.94 -15.12 11.01
N SER B 373 4.90 -15.95 10.60
CA SER B 373 6.17 -15.44 10.10
C SER B 373 6.08 -15.03 8.63
N ILE B 374 5.20 -15.67 7.87
CA ILE B 374 5.06 -15.36 6.45
C ILE B 374 4.08 -14.20 6.29
N ASN B 375 4.17 -13.53 5.14
CA ASN B 375 3.29 -12.41 4.85
C ASN B 375 1.94 -12.94 4.36
N PRO B 376 0.84 -12.66 5.06
CA PRO B 376 -0.46 -13.22 4.65
C PRO B 376 -0.99 -12.67 3.33
N ASP B 377 -0.37 -11.63 2.77
CA ASP B 377 -0.82 -11.04 1.52
C ASP B 377 0.04 -11.41 0.33
N GLU B 378 1.26 -11.88 0.54
CA GLU B 378 2.19 -12.15 -0.54
C GLU B 378 2.68 -13.60 -0.59
N ALA B 379 2.27 -14.45 0.36
CA ALA B 379 2.80 -15.80 0.40
C ALA B 379 2.37 -16.61 -0.82
N VAL B 380 1.13 -16.44 -1.27
CA VAL B 380 0.64 -17.20 -2.42
C VAL B 380 1.42 -16.84 -3.68
N ALA B 381 1.54 -15.54 -3.95
CA ALA B 381 2.32 -15.11 -5.11
C ALA B 381 3.80 -15.45 -4.95
N TYR B 382 4.28 -15.50 -3.71
CA TYR B 382 5.64 -15.95 -3.44
C TYR B 382 5.85 -17.39 -3.93
N GLY B 383 5.02 -18.31 -3.44
CA GLY B 383 5.14 -19.70 -3.85
C GLY B 383 4.92 -19.90 -5.33
N ALA B 384 3.92 -19.22 -5.89
CA ALA B 384 3.67 -19.31 -7.33
C ALA B 384 4.89 -18.83 -8.12
N ALA B 385 5.55 -17.77 -7.64
CA ALA B 385 6.74 -17.27 -8.30
C ALA B 385 7.88 -18.28 -8.24
N VAL B 386 8.05 -18.93 -7.07
CA VAL B 386 9.09 -19.95 -6.95
C VAL B 386 8.84 -21.09 -7.93
N GLN B 387 7.60 -21.60 -7.95
CA GLN B 387 7.26 -22.71 -8.84
C GLN B 387 7.45 -22.33 -10.30
N ALA B 388 7.06 -21.11 -10.68
CA ALA B 388 7.26 -20.66 -12.06
C ALA B 388 8.74 -20.60 -12.41
N GLY B 389 9.55 -19.99 -11.52
CA GLY B 389 10.98 -19.93 -11.76
C GLY B 389 11.62 -21.30 -11.89
N ILE B 390 11.11 -22.29 -11.15
CA ILE B 390 11.64 -23.64 -11.28
C ILE B 390 11.21 -24.26 -12.60
N LEU B 391 9.93 -24.07 -12.98
CA LEU B 391 9.42 -24.67 -14.21
C LEU B 391 10.01 -24.03 -15.46
N SER B 392 10.55 -22.83 -15.36
CA SER B 392 11.24 -22.21 -16.48
C SER B 392 12.76 -22.33 -16.36
N GLY B 393 13.25 -23.05 -15.34
CA GLY B 393 14.66 -23.34 -15.25
C GLY B 393 15.54 -22.19 -14.84
N LYS B 394 15.00 -21.24 -14.08
CA LYS B 394 15.77 -20.09 -13.61
C LYS B 394 16.32 -20.33 -12.21
N ASP B 399 20.44 -25.46 -5.32
CA ASP B 399 19.79 -24.65 -4.29
C ASP B 399 18.55 -25.34 -3.77
N THR B 400 17.53 -25.49 -4.63
CA THR B 400 16.30 -26.17 -4.26
C THR B 400 15.89 -27.13 -5.38
N SER B 401 16.72 -28.14 -5.62
CA SER B 401 16.43 -29.14 -6.63
C SER B 401 15.56 -30.28 -6.11
N ASP B 402 15.41 -30.40 -4.79
CA ASP B 402 14.59 -31.44 -4.18
C ASP B 402 13.11 -31.08 -4.13
N LEU B 403 12.71 -30.00 -4.79
CA LEU B 403 11.32 -29.53 -4.71
C LEU B 403 10.40 -30.50 -5.43
N LEU B 404 9.41 -31.02 -4.72
CA LEU B 404 8.42 -31.91 -5.28
C LEU B 404 7.05 -31.52 -4.75
N LEU B 405 6.06 -31.46 -5.64
CA LEU B 405 4.71 -31.03 -5.30
C LEU B 405 3.74 -32.17 -5.56
N LEU B 406 3.15 -32.69 -4.49
CA LEU B 406 2.17 -33.78 -4.54
C LEU B 406 0.84 -33.22 -4.05
N ASP B 407 0.03 -32.72 -4.97
CA ASP B 407 -1.23 -32.10 -4.63
C ASP B 407 -2.36 -33.13 -4.72
N VAL B 408 -3.61 -32.66 -4.60
CA VAL B 408 -4.75 -33.54 -4.40
C VAL B 408 -5.97 -32.95 -5.10
N VAL B 409 -6.89 -33.81 -5.48
CA VAL B 409 -8.17 -33.38 -6.06
C VAL B 409 -9.13 -33.10 -4.90
N PRO B 410 -9.87 -31.99 -4.94
CA PRO B 410 -10.66 -31.58 -3.76
C PRO B 410 -12.00 -32.27 -3.65
N LEU B 411 -12.68 -32.48 -4.78
CA LEU B 411 -14.00 -33.10 -4.80
C LEU B 411 -14.01 -34.21 -5.84
N SER B 412 -14.88 -35.20 -5.62
CA SER B 412 -14.87 -36.39 -6.43
C SER B 412 -15.33 -36.09 -7.86
N LEU B 413 -14.65 -36.69 -8.82
CA LEU B 413 -15.02 -36.61 -10.23
C LEU B 413 -15.65 -37.94 -10.63
N GLY B 414 -16.91 -37.91 -11.05
CA GLY B 414 -17.61 -39.13 -11.36
C GLY B 414 -18.66 -39.01 -12.44
N VAL B 415 -19.51 -40.03 -12.56
CA VAL B 415 -20.58 -40.07 -13.55
C VAL B 415 -21.90 -40.30 -12.83
N ALA B 416 -22.99 -40.18 -13.58
CA ALA B 416 -24.33 -40.40 -13.04
C ALA B 416 -24.77 -41.83 -13.30
N MET B 417 -25.00 -42.59 -12.23
CA MET B 417 -25.47 -43.96 -12.34
C MET B 417 -26.97 -44.00 -12.65
N GLU B 418 -27.50 -45.22 -12.70
CA GLU B 418 -28.95 -45.40 -12.80
C GLU B 418 -29.62 -44.81 -11.55
N GLY B 419 -30.77 -44.18 -11.75
CA GLY B 419 -31.40 -43.46 -10.68
C GLY B 419 -30.71 -42.17 -10.29
N ASN B 420 -29.73 -41.74 -11.09
CA ASN B 420 -28.99 -40.50 -10.85
C ASN B 420 -28.27 -40.54 -9.50
N ILE B 421 -27.48 -41.59 -9.30
CA ILE B 421 -26.65 -41.75 -8.11
C ILE B 421 -25.20 -41.50 -8.50
N PHE B 422 -24.48 -40.76 -7.66
CA PHE B 422 -23.13 -40.34 -8.01
C PHE B 422 -22.17 -41.51 -7.94
N ALA B 423 -21.50 -41.79 -9.06
CA ALA B 423 -20.49 -42.83 -9.17
C ALA B 423 -19.11 -42.17 -9.21
N PRO B 424 -18.36 -42.16 -8.11
CA PRO B 424 -17.03 -41.55 -8.14
C PRO B 424 -16.05 -42.41 -8.92
N VAL B 425 -15.33 -41.78 -9.85
CA VAL B 425 -14.25 -42.42 -10.58
C VAL B 425 -12.90 -42.01 -10.02
N VAL B 426 -12.72 -40.72 -9.76
CA VAL B 426 -11.54 -40.18 -9.09
C VAL B 426 -12.00 -39.61 -7.75
N PRO B 427 -11.71 -40.27 -6.63
CA PRO B 427 -12.21 -39.79 -5.34
C PRO B 427 -11.42 -38.59 -4.84
N ARG B 428 -12.04 -37.86 -3.91
CA ARG B 428 -11.34 -36.77 -3.26
C ARG B 428 -10.24 -37.32 -2.36
N GLY B 429 -9.17 -36.54 -2.24
CA GLY B 429 -7.98 -37.01 -1.56
C GLY B 429 -7.04 -37.82 -2.42
N GLN B 430 -7.37 -38.03 -3.69
CA GLN B 430 -6.47 -38.72 -4.61
C GLN B 430 -5.30 -37.81 -4.97
N THR B 431 -4.09 -38.34 -4.86
CA THR B 431 -2.93 -37.56 -5.25
C THR B 431 -2.96 -37.28 -6.75
N VAL B 432 -2.23 -36.24 -7.14
CA VAL B 432 -2.28 -35.74 -8.51
C VAL B 432 -0.88 -35.73 -9.11
N PRO B 433 -0.75 -36.14 -10.38
CA PRO B 433 -1.78 -36.57 -11.34
C PRO B 433 -2.17 -38.05 -11.19
N THR B 434 -3.31 -38.45 -11.77
CA THR B 434 -3.75 -39.83 -11.68
C THR B 434 -4.48 -40.26 -12.94
N ILE B 435 -4.56 -41.57 -13.12
CA ILE B 435 -5.32 -42.21 -14.19
C ILE B 435 -6.33 -43.15 -13.54
N LYS B 436 -7.60 -43.00 -13.91
CA LYS B 436 -8.65 -43.91 -13.48
C LYS B 436 -9.41 -44.40 -14.69
N LYS B 437 -10.05 -45.56 -14.57
CA LYS B 437 -10.75 -46.18 -15.68
C LYS B 437 -12.08 -46.73 -15.21
N ARG B 438 -13.06 -46.72 -16.11
CA ARG B 438 -14.39 -47.23 -15.83
C ARG B 438 -15.01 -47.73 -17.12
N THR B 439 -15.76 -48.83 -17.03
CA THR B 439 -16.29 -49.53 -18.20
C THR B 439 -17.76 -49.21 -18.42
N PHE B 440 -18.12 -48.94 -19.67
CA PHE B 440 -19.48 -48.72 -20.11
C PHE B 440 -19.84 -49.72 -21.20
N THR B 441 -21.13 -49.79 -21.53
CA THR B 441 -21.60 -50.66 -22.59
C THR B 441 -22.92 -50.11 -23.12
N THR B 442 -23.43 -50.75 -24.17
CA THR B 442 -24.59 -50.26 -24.90
C THR B 442 -25.86 -51.01 -24.50
N VAL B 443 -26.98 -50.29 -24.53
CA VAL B 443 -28.28 -50.91 -24.25
C VAL B 443 -28.80 -51.71 -25.43
N ALA B 444 -28.23 -51.53 -26.61
CA ALA B 444 -28.68 -52.24 -27.81
C ALA B 444 -27.51 -52.90 -28.53
N THR B 449 -24.42 -44.73 -30.16
CA THR B 449 -23.69 -43.85 -29.25
C THR B 449 -24.10 -44.10 -27.80
N VAL B 450 -23.18 -43.80 -26.88
CA VAL B 450 -23.44 -43.88 -25.45
C VAL B 450 -23.19 -42.50 -24.85
N GLN B 451 -24.13 -42.03 -24.05
CA GLN B 451 -24.07 -40.70 -23.45
C GLN B 451 -24.29 -40.82 -21.96
N PHE B 452 -23.45 -40.12 -21.19
CA PHE B 452 -23.54 -40.18 -19.73
C PHE B 452 -23.13 -38.83 -19.16
N PRO B 453 -23.68 -38.44 -18.02
CA PRO B 453 -23.32 -37.15 -17.43
C PRO B 453 -22.18 -37.26 -16.41
N VAL B 454 -21.15 -36.44 -16.60
CA VAL B 454 -20.01 -36.36 -15.69
C VAL B 454 -20.24 -35.21 -14.73
N TYR B 455 -20.14 -35.51 -13.43
CA TYR B 455 -20.33 -34.56 -12.35
C TYR B 455 -19.07 -34.48 -11.49
N GLN B 456 -19.03 -33.43 -10.66
CA GLN B 456 -18.01 -33.30 -9.62
C GLN B 456 -18.70 -32.86 -8.33
N GLY B 457 -18.28 -33.41 -7.22
CA GLY B 457 -18.82 -33.01 -5.94
C GLY B 457 -18.65 -34.11 -4.91
N GLU B 458 -19.58 -34.12 -3.95
CA GLU B 458 -19.53 -35.12 -2.89
C GLU B 458 -20.90 -35.60 -2.44
N ARG B 459 -21.98 -35.24 -3.12
CA ARG B 459 -23.31 -35.66 -2.74
C ARG B 459 -23.70 -36.96 -3.44
N VAL B 460 -24.61 -37.70 -2.81
CA VAL B 460 -25.06 -38.97 -3.38
C VAL B 460 -25.91 -38.74 -4.62
N ASN B 461 -26.86 -37.81 -4.53
CA ASN B 461 -27.74 -37.49 -5.65
C ASN B 461 -27.08 -36.41 -6.50
N CYS B 462 -26.89 -36.70 -7.80
CA CYS B 462 -26.15 -35.80 -8.68
C CYS B 462 -26.85 -34.47 -8.91
N GLU B 463 -28.14 -34.35 -8.57
CA GLU B 463 -28.79 -33.05 -8.62
C GLU B 463 -28.13 -32.07 -7.66
N ASP B 464 -27.52 -32.57 -6.59
CA ASP B 464 -26.79 -31.76 -5.63
C ASP B 464 -25.29 -31.73 -5.89
N ASN B 465 -24.88 -31.98 -7.13
CA ASN B 465 -23.48 -31.91 -7.53
C ASN B 465 -23.32 -30.94 -8.69
N THR B 466 -22.07 -30.68 -9.06
CA THR B 466 -21.73 -29.75 -10.13
C THR B 466 -21.55 -30.55 -11.41
N LEU B 467 -22.45 -30.32 -12.38
CA LEU B 467 -22.39 -31.04 -13.65
C LEU B 467 -21.18 -30.60 -14.46
N LEU B 468 -20.29 -31.55 -14.76
CA LEU B 468 -19.19 -31.24 -15.66
C LEU B 468 -19.62 -31.32 -17.11
N GLY B 469 -20.63 -32.13 -17.43
CA GLY B 469 -21.23 -32.04 -18.74
C GLY B 469 -21.83 -33.36 -19.18
N GLU B 470 -22.55 -33.28 -20.30
CA GLU B 470 -23.14 -34.46 -20.95
C GLU B 470 -22.16 -34.96 -22.00
N PHE B 471 -21.64 -36.17 -21.79
CA PHE B 471 -20.58 -36.71 -22.64
C PHE B 471 -21.15 -37.77 -23.57
N THR B 472 -20.89 -37.60 -24.87
CA THR B 472 -21.37 -38.50 -25.91
C THR B 472 -20.21 -39.13 -26.65
N LEU B 473 -20.25 -40.45 -26.82
CA LEU B 473 -19.22 -41.19 -27.53
C LEU B 473 -19.68 -41.38 -28.97
N ALA B 474 -18.91 -40.86 -29.91
CA ALA B 474 -19.42 -40.69 -31.27
C ALA B 474 -19.38 -41.98 -32.09
N PRO B 475 -18.23 -42.67 -32.24
CA PRO B 475 -18.19 -43.82 -33.14
C PRO B 475 -18.27 -45.15 -32.42
N ILE B 476 -19.37 -45.88 -32.59
CA ILE B 476 -19.54 -47.18 -31.95
C ILE B 476 -19.85 -48.24 -33.00
N PRO B 477 -19.29 -49.44 -32.87
CA PRO B 477 -19.65 -50.52 -33.79
C PRO B 477 -21.05 -51.03 -33.51
N PRO B 478 -21.71 -51.60 -34.52
CA PRO B 478 -23.07 -52.12 -34.32
C PRO B 478 -23.08 -53.57 -33.86
N MET B 479 -23.52 -53.82 -32.63
CA MET B 479 -23.46 -55.15 -32.02
C MET B 479 -24.70 -55.36 -31.17
N LYS B 480 -24.77 -56.55 -30.56
CA LYS B 480 -25.82 -56.83 -29.59
C LYS B 480 -25.53 -56.10 -28.28
N ALA B 481 -26.54 -56.02 -27.44
CA ALA B 481 -26.41 -55.29 -26.17
C ALA B 481 -25.51 -56.03 -25.21
N GLY B 482 -24.51 -55.33 -24.66
CA GLY B 482 -23.68 -55.85 -23.60
C GLY B 482 -22.34 -56.40 -24.05
N GLU B 483 -22.26 -56.94 -25.26
CA GLU B 483 -21.00 -57.52 -25.74
C GLU B 483 -19.88 -56.49 -25.91
N PRO B 484 -20.12 -55.27 -26.38
CA PRO B 484 -19.01 -54.30 -26.45
C PRO B 484 -18.63 -53.77 -25.07
N VAL B 485 -17.33 -53.73 -24.78
CA VAL B 485 -16.80 -53.14 -23.57
C VAL B 485 -16.14 -51.83 -23.94
N LEU B 486 -16.60 -50.74 -23.34
CA LEU B 486 -16.12 -49.39 -23.64
C LEU B 486 -15.28 -48.90 -22.47
N GLU B 487 -13.96 -48.83 -22.66
CA GLU B 487 -13.05 -48.40 -21.59
C GLU B 487 -12.95 -46.88 -21.62
N VAL B 488 -13.47 -46.24 -20.58
CA VAL B 488 -13.44 -44.79 -20.45
C VAL B 488 -12.36 -44.42 -19.43
N VAL B 489 -11.50 -43.47 -19.79
CA VAL B 489 -10.34 -43.11 -19.00
C VAL B 489 -10.50 -41.68 -18.51
N PHE B 490 -10.48 -41.53 -17.18
CA PHE B 490 -10.47 -40.23 -16.51
C PHE B 490 -9.05 -39.93 -16.07
N GLU B 491 -8.38 -39.02 -16.77
CA GLU B 491 -7.03 -38.59 -16.41
C GLU B 491 -7.10 -37.21 -15.77
N VAL B 492 -6.40 -37.04 -14.66
CA VAL B 492 -6.31 -35.75 -13.98
C VAL B 492 -4.84 -35.37 -13.92
N ASP B 493 -4.49 -34.26 -14.57
CA ASP B 493 -3.10 -33.85 -14.68
C ASP B 493 -2.66 -33.05 -13.46
N VAL B 494 -1.42 -32.56 -13.51
CA VAL B 494 -0.85 -31.82 -12.39
C VAL B 494 -1.59 -30.52 -12.13
N ASN B 495 -2.27 -29.96 -13.14
CA ASN B 495 -3.10 -28.79 -12.92
C ASN B 495 -4.39 -29.11 -12.16
N GLY B 496 -4.73 -30.39 -12.02
CA GLY B 496 -5.98 -30.77 -11.39
C GLY B 496 -7.18 -30.72 -12.30
N ILE B 497 -6.96 -30.73 -13.62
CA ILE B 497 -8.03 -30.62 -14.61
C ILE B 497 -8.29 -32.00 -15.19
N LEU B 498 -9.56 -32.30 -15.46
CA LEU B 498 -9.97 -33.61 -15.94
C LEU B 498 -9.99 -33.64 -17.46
N LYS B 499 -9.30 -34.62 -18.04
CA LYS B 499 -9.41 -34.95 -19.45
C LYS B 499 -9.85 -36.41 -19.56
N VAL B 500 -10.89 -36.65 -20.35
CA VAL B 500 -11.47 -37.99 -20.48
C VAL B 500 -11.25 -38.47 -21.91
N THR B 501 -10.95 -39.77 -22.05
CA THR B 501 -10.81 -40.40 -23.35
C THR B 501 -11.57 -41.72 -23.32
N ALA B 502 -11.62 -42.39 -24.47
CA ALA B 502 -12.36 -43.65 -24.58
C ALA B 502 -11.72 -44.53 -25.62
N THR B 503 -11.55 -45.80 -25.26
CA THR B 503 -11.01 -46.83 -26.13
C THR B 503 -11.59 -48.17 -25.67
N GLU B 504 -12.00 -49.00 -26.62
CA GLU B 504 -12.62 -50.28 -26.32
C GLU B 504 -11.63 -51.41 -26.65
N LYS B 505 -11.65 -52.46 -25.83
CA LYS B 505 -10.61 -53.49 -25.97
C LYS B 505 -10.92 -54.45 -27.12
N THR B 506 -12.18 -54.85 -27.26
CA THR B 506 -12.61 -55.57 -28.45
C THR B 506 -12.67 -54.63 -29.64
N SER B 507 -12.22 -55.11 -30.79
CA SER B 507 -12.05 -54.37 -32.04
C SER B 507 -10.98 -53.28 -31.93
N GLY B 508 -10.34 -53.13 -30.78
CA GLY B 508 -9.33 -52.08 -30.65
C GLY B 508 -9.96 -50.71 -30.81
N ARG B 509 -9.40 -49.93 -31.75
CA ARG B 509 -9.96 -48.63 -32.15
C ARG B 509 -9.85 -47.56 -31.08
N SER B 510 -10.17 -46.32 -31.47
CA SER B 510 -10.30 -45.19 -30.57
C SER B 510 -11.68 -44.58 -30.76
N ALA B 511 -12.16 -43.92 -29.70
CA ALA B 511 -13.49 -43.32 -29.70
C ALA B 511 -13.36 -41.86 -29.26
N ASN B 512 -13.63 -40.94 -30.18
CA ASN B 512 -13.60 -39.52 -29.85
C ASN B 512 -14.88 -39.13 -29.10
N ILE B 513 -14.75 -38.14 -28.23
CA ILE B 513 -15.81 -37.75 -27.31
C ILE B 513 -16.25 -36.33 -27.64
N THR B 514 -17.56 -36.09 -27.55
CA THR B 514 -18.08 -34.73 -27.63
C THR B 514 -18.79 -34.41 -26.32
N ILE B 515 -18.79 -33.12 -25.97
CA ILE B 515 -19.31 -32.67 -24.69
C ILE B 515 -20.34 -31.59 -24.94
N ALA B 516 -21.52 -31.73 -24.33
CA ALA B 516 -22.60 -30.78 -24.44
C ALA B 516 -23.03 -30.31 -23.06
N ASN B 517 -23.65 -29.13 -23.02
CA ASN B 517 -24.15 -28.53 -21.78
C ASN B 517 -23.02 -28.32 -20.78
N SER B 518 -21.85 -27.93 -21.29
CA SER B 518 -20.70 -27.66 -20.44
C SER B 518 -20.71 -26.20 -19.98
N VAL B 519 -19.77 -25.85 -19.12
CA VAL B 519 -19.66 -24.49 -18.61
C VAL B 519 -18.20 -24.21 -18.29
N GLY B 520 -17.76 -22.99 -18.61
CA GLY B 520 -16.42 -22.57 -18.31
C GLY B 520 -15.36 -22.90 -19.33
N LYS B 521 -15.72 -23.63 -20.39
CA LYS B 521 -14.77 -23.99 -21.44
C LYS B 521 -14.92 -23.05 -22.63
N LEU B 522 -13.83 -22.91 -23.37
CA LEU B 522 -13.80 -22.06 -24.57
C LEU B 522 -13.01 -22.79 -25.65
N SER B 523 -13.57 -22.85 -26.85
CA SER B 523 -12.84 -23.42 -27.97
C SER B 523 -11.66 -22.53 -28.34
N THR B 524 -10.72 -23.12 -29.10
CA THR B 524 -9.55 -22.37 -29.53
C THR B 524 -9.93 -21.15 -30.36
N ASP B 525 -10.99 -21.27 -31.16
CA ASP B 525 -11.45 -20.15 -31.97
C ASP B 525 -11.90 -18.99 -31.09
N GLU B 526 -12.71 -19.27 -30.07
CA GLU B 526 -13.19 -18.21 -29.20
C GLU B 526 -12.04 -17.57 -28.44
N ILE B 527 -11.04 -18.36 -28.04
CA ILE B 527 -9.89 -17.81 -27.33
C ILE B 527 -9.10 -16.87 -28.25
N GLU B 528 -8.86 -17.31 -29.49
CA GLU B 528 -8.19 -16.44 -30.45
C GLU B 528 -8.96 -15.15 -30.67
N LYS B 529 -10.29 -15.25 -30.80
CA LYS B 529 -11.12 -14.07 -31.01
C LYS B 529 -11.00 -13.10 -29.83
N MET B 530 -11.06 -13.63 -28.61
CA MET B 530 -10.95 -12.77 -27.43
C MET B 530 -9.57 -12.14 -27.33
N ILE B 531 -8.53 -12.86 -27.75
CA ILE B 531 -7.18 -12.30 -27.73
C ILE B 531 -7.07 -11.14 -28.72
N SER B 532 -7.52 -11.35 -29.95
CA SER B 532 -7.47 -10.28 -30.95
C SER B 532 -8.29 -9.07 -30.50
N ASP B 533 -9.47 -9.32 -29.92
CA ASP B 533 -10.28 -8.22 -29.42
C ASP B 533 -9.57 -7.47 -28.30
N ALA B 534 -8.84 -8.19 -27.45
CA ALA B 534 -8.07 -7.54 -26.38
C ALA B 534 -7.00 -6.63 -26.97
N GLU B 535 -6.23 -7.15 -27.94
CA GLU B 535 -5.21 -6.33 -28.58
C GLU B 535 -5.81 -5.10 -29.25
N LYS B 536 -6.98 -5.26 -29.86
CA LYS B 536 -7.64 -4.11 -30.48
C LYS B 536 -8.07 -3.09 -29.42
N PHE B 537 -8.53 -3.56 -28.26
CA PHE B 537 -8.89 -2.66 -27.17
C PHE B 537 -7.69 -1.85 -26.71
N LYS B 538 -6.58 -2.53 -26.40
CA LYS B 538 -5.37 -1.84 -25.95
C LYS B 538 -4.89 -0.85 -27.00
N SER B 539 -4.91 -1.25 -28.28
CA SER B 539 -4.53 -0.34 -29.35
C SER B 539 -5.40 0.91 -29.36
N LYS B 540 -6.72 0.73 -29.19
CA LYS B 540 -7.61 1.89 -29.16
C LYS B 540 -7.31 2.79 -27.97
N CYS B 541 -6.92 2.20 -26.84
CA CYS B 541 -6.59 3.00 -25.67
C CYS B 541 -5.34 3.84 -25.92
N GLU B 542 -4.27 3.21 -26.40
CA GLU B 542 -3.04 3.96 -26.71
C GLU B 542 -3.31 5.04 -27.74
N ALA B 543 -4.15 4.74 -28.73
CA ALA B 543 -4.51 5.75 -29.72
C ALA B 543 -5.21 6.94 -29.07
N PHE B 544 -6.20 6.68 -28.22
CA PHE B 544 -6.94 7.77 -27.60
C PHE B 544 -6.04 8.63 -26.71
N SER B 545 -5.19 7.98 -25.90
CA SER B 545 -4.34 8.75 -24.99
C SER B 545 -3.31 9.58 -25.76
N LYS B 546 -2.60 8.94 -26.70
CA LYS B 546 -1.57 9.65 -27.44
C LYS B 546 -2.15 10.78 -28.29
N ARG B 547 -3.30 10.54 -28.93
CA ARG B 547 -3.92 11.60 -29.71
C ARG B 547 -4.42 12.73 -28.82
N PHE B 548 -4.95 12.39 -27.64
CA PHE B 548 -5.41 13.40 -26.70
C PHE B 548 -4.27 14.32 -26.27
N GLU B 549 -3.21 13.74 -25.71
CA GLU B 549 -2.09 14.54 -25.23
C GLU B 549 -1.44 15.30 -26.39
N ALA B 550 -1.33 14.66 -27.56
CA ALA B 550 -0.74 15.33 -28.71
C ALA B 550 -1.55 16.54 -29.13
N LYS B 551 -2.89 16.44 -29.08
CA LYS B 551 -3.73 17.57 -29.42
C LYS B 551 -3.59 18.69 -28.39
N GLN B 552 -3.47 18.32 -27.10
CA GLN B 552 -3.23 19.33 -26.09
C GLN B 552 -1.95 20.11 -26.38
N GLN B 553 -0.83 19.39 -26.55
CA GLN B 553 0.45 20.05 -26.82
C GLN B 553 0.38 20.91 -28.07
N LEU B 554 -0.19 20.36 -29.15
CA LEU B 554 -0.26 21.10 -30.41
C LEU B 554 -1.06 22.39 -30.24
N GLU B 555 -2.20 22.32 -29.54
CA GLU B 555 -2.99 23.53 -29.31
C GLU B 555 -2.20 24.55 -28.51
N SER B 556 -1.51 24.11 -27.47
CA SER B 556 -0.69 25.03 -26.68
C SER B 556 0.33 25.75 -27.56
N TYR B 557 1.10 24.99 -28.35
CA TYR B 557 2.10 25.61 -29.19
C TYR B 557 1.48 26.57 -30.20
N ILE B 558 0.33 26.20 -30.76
CA ILE B 558 -0.38 27.09 -31.68
C ILE B 558 -0.73 28.40 -30.99
N SER B 559 -1.17 28.33 -29.72
CA SER B 559 -1.48 29.54 -28.99
C SER B 559 -0.24 30.42 -28.82
N ARG B 560 0.88 29.81 -28.44
CA ARG B 560 2.12 30.59 -28.31
C ARG B 560 2.47 31.25 -29.63
N VAL B 561 2.35 30.52 -30.74
CA VAL B 561 2.70 31.09 -32.05
C VAL B 561 1.78 32.25 -32.40
N GLU B 562 0.50 32.15 -32.05
CA GLU B 562 -0.42 33.26 -32.27
C GLU B 562 0.00 34.49 -31.47
N GLU B 563 0.38 34.29 -30.21
CA GLU B 563 0.89 35.41 -29.42
C GLU B 563 2.16 35.99 -30.02
N ILE B 564 2.98 35.16 -30.68
CA ILE B 564 4.22 35.66 -31.25
C ILE B 564 3.95 36.47 -32.50
N ILE B 565 3.08 35.98 -33.38
CA ILE B 565 2.77 36.71 -34.61
C ILE B 565 2.00 37.98 -34.30
N SER B 566 1.23 38.00 -33.21
CA SER B 566 0.58 39.24 -32.79
C SER B 566 1.46 40.02 -31.84
N GLY B 577 4.04 37.52 -47.21
CA GLY B 577 4.67 36.27 -47.60
C GLY B 577 4.88 35.33 -46.43
N GLN B 578 5.88 35.64 -45.59
CA GLN B 578 6.13 34.86 -44.38
C GLN B 578 4.87 34.83 -43.51
N LYS B 579 4.28 36.00 -43.27
CA LYS B 579 3.03 36.08 -42.53
C LYS B 579 2.00 35.09 -43.06
N ASP B 580 1.80 35.07 -44.38
CA ASP B 580 0.76 34.24 -44.96
C ASP B 580 1.10 32.75 -44.84
N LYS B 581 2.36 32.38 -45.08
CA LYS B 581 2.75 30.98 -44.93
C LYS B 581 2.55 30.51 -43.49
N ILE B 582 2.95 31.33 -42.52
CA ILE B 582 2.72 31.00 -41.11
C ILE B 582 1.23 30.78 -40.87
N GLU B 583 0.40 31.76 -41.24
CA GLU B 583 -1.04 31.66 -40.97
C GLU B 583 -1.64 30.41 -41.62
N GLN B 584 -1.22 30.09 -42.85
CA GLN B 584 -1.74 28.90 -43.53
C GLN B 584 -1.35 27.62 -42.79
N ALA B 585 -0.08 27.52 -42.39
CA ALA B 585 0.34 26.33 -41.65
C ALA B 585 -0.42 26.21 -40.33
N LEU B 586 -0.67 27.34 -39.67
CA LEU B 586 -1.45 27.32 -38.45
C LEU B 586 -2.89 26.87 -38.70
N SER B 587 -3.47 27.25 -39.85
CA SER B 587 -4.81 26.80 -40.19
C SER B 587 -4.83 25.29 -40.45
N GLU B 588 -3.81 24.77 -41.14
CA GLU B 588 -3.71 23.33 -41.31
C GLU B 588 -3.62 22.63 -39.96
N ALA B 589 -2.80 23.17 -39.05
CA ALA B 589 -2.67 22.56 -37.73
C ALA B 589 -3.99 22.58 -36.97
N MET B 590 -4.75 23.67 -37.07
CA MET B 590 -6.06 23.72 -36.42
C MET B 590 -7.01 22.71 -37.04
N ALA B 591 -6.95 22.53 -38.36
CA ALA B 591 -7.78 21.52 -39.02
C ALA B 591 -7.46 20.13 -38.50
N GLN B 592 -6.17 19.78 -38.45
CA GLN B 592 -5.78 18.51 -37.86
C GLN B 592 -6.23 18.41 -36.41
N LEU B 593 -6.30 19.53 -35.71
CA LEU B 593 -6.78 19.53 -34.33
C LEU B 593 -8.27 19.23 -34.26
N GLU B 594 -9.04 19.67 -35.25
CA GLU B 594 -10.48 19.43 -35.24
C GLU B 594 -10.84 18.04 -35.74
N ILE B 595 -10.06 17.48 -36.66
CA ILE B 595 -10.38 16.18 -37.22
C ILE B 595 -10.08 15.10 -36.18
N GLU B 596 -11.09 14.29 -35.84
CA GLU B 596 -10.89 13.18 -34.92
C GLU B 596 -10.09 12.05 -35.54
N ASP B 597 -10.05 11.98 -36.88
CA ASP B 597 -9.31 10.92 -37.55
C ASP B 597 -7.80 11.13 -37.51
N SER B 598 -7.34 12.27 -37.01
CA SER B 598 -5.91 12.55 -36.97
C SER B 598 -5.21 11.63 -35.98
N THR B 599 -4.00 11.21 -36.33
CA THR B 599 -3.19 10.34 -35.48
C THR B 599 -2.15 11.14 -34.72
N ALA B 600 -1.76 10.62 -33.57
CA ALA B 600 -0.79 11.30 -32.72
C ALA B 600 0.51 11.57 -33.47
N ASP B 601 0.98 10.61 -34.27
CA ASP B 601 2.21 10.79 -35.02
C ASP B 601 2.10 11.96 -36.00
N GLU B 602 0.97 12.03 -36.72
CA GLU B 602 0.75 13.16 -37.62
C GLU B 602 0.72 14.48 -36.86
N LEU B 603 0.14 14.47 -35.65
CA LEU B 603 0.12 15.68 -34.84
C LEU B 603 1.53 16.11 -34.45
N LYS B 604 2.37 15.16 -34.03
CA LYS B 604 3.76 15.46 -33.72
C LYS B 604 4.47 16.04 -34.94
N LYS B 605 4.27 15.43 -36.11
CA LYS B 605 4.88 15.94 -37.33
C LYS B 605 4.44 17.39 -37.60
N LYS B 606 3.16 17.70 -37.35
CA LYS B 606 2.69 19.05 -37.60
C LYS B 606 3.30 20.05 -36.63
N GLU B 607 3.41 19.67 -35.34
CA GLU B 607 4.03 20.56 -34.37
C GLU B 607 5.48 20.83 -34.73
N LEU B 608 6.23 19.77 -35.06
CA LEU B 608 7.63 19.93 -35.43
C LEU B 608 7.77 20.80 -36.67
N ALA B 609 6.94 20.56 -37.69
CA ALA B 609 6.99 21.38 -38.89
C ALA B 609 6.72 22.84 -38.57
N LEU B 610 5.76 23.10 -37.67
CA LEU B 610 5.50 24.47 -37.23
C LEU B 610 6.74 25.09 -36.60
N LYS B 611 7.41 24.35 -35.71
CA LYS B 611 8.59 24.92 -35.05
C LYS B 611 9.70 25.20 -36.05
N ARG B 612 9.94 24.28 -36.99
CA ARG B 612 10.94 24.52 -38.03
C ARG B 612 10.62 25.79 -38.81
N LEU B 613 9.39 25.90 -39.33
CA LEU B 613 9.05 27.02 -40.18
C LEU B 613 9.11 28.35 -39.43
N VAL B 614 8.56 28.38 -38.20
CA VAL B 614 8.54 29.63 -37.44
C VAL B 614 9.96 30.03 -37.05
N THR B 615 10.85 29.07 -36.77
CA THR B 615 12.21 29.44 -36.44
C THR B 615 12.96 29.95 -37.66
N LYS B 616 12.73 29.33 -38.83
CA LYS B 616 13.38 29.81 -40.04
C LYS B 616 12.92 31.22 -40.39
N ALA B 617 11.61 31.47 -40.32
CA ALA B 617 11.10 32.79 -40.67
C ALA B 617 11.54 33.83 -39.64
N MET B 618 11.51 33.48 -38.36
CA MET B 618 11.94 34.42 -37.32
C MET B 618 13.41 34.77 -37.46
N ALA B 619 14.24 33.78 -37.80
CA ALA B 619 15.67 34.01 -37.98
C ALA B 619 15.97 34.57 -39.36
#